data_9CA4
#
_entry.id   9CA4
#
_cell.length_a   1.00
_cell.length_b   1.00
_cell.length_c   1.00
_cell.angle_alpha   90.00
_cell.angle_beta   90.00
_cell.angle_gamma   90.00
#
_symmetry.space_group_name_H-M   'P 1'
#
loop_
_entity.id
_entity.type
_entity.pdbx_description
1 polymer 'DNA topoisomerase 3-beta-1'
2 polymer 'Tudor domain-containing protein 3'
3 polymer "RNA (5'-R(P*AP*CP*UP*AP*AP*A)-3')"
4 polymer "RNA (5'-R(*AP*U)-3')"
5 non-polymer 'MANGANESE (II) ION'
#
loop_
_entity_poly.entity_id
_entity_poly.type
_entity_poly.pdbx_seq_one_letter_code
_entity_poly.pdbx_strand_id
1 'polypeptide(L)'
;VMKTVLMVAEMPSLAQSIAKILSRGSLSSHKGLNGACSVHEYTGTFAGQPVRFKMTSVCGHVMTLDFLGKYNKWDKVDPA
ELFSQAPTEKKEANPKLNMVKFLQVEGRGCDYIVLWLDCDKEGENICFEVLDAVLPVMNKAHGGEKTVFRARFSSITDTD
ICNAMACLGEPDHNEALSVDARQELDLRIGCAFTRFQTKYFQGKYGDLDSSLISFGPCQTPTLGFCVERHDKIQSFKPET
YWVLQAKVNTDKDRSLLLDWDRVRVFDREIAQMFLNMTKLEKEAQVEATSRKEKAKQRPLALNTVEMLRVASSSLGMGPQ
HAMQTAERLYTQGYIS(PTR)PRTETTHYPENFDLKGSLRQQANHPYWADTVKRLLAEGINRPRKGHDAGDHPPITPMKS
ATEAELGGDAWRLYEYITRHFIATVSHDCKYLQSTISFRIGPELFTCSGKTVLSPGFTEVMPWQSVPLEESLPTCQRGDA
FPVGEVKMLEKQTNPPDYLTEAELITLMEKHGIGTDASIPVHINNICQRNYVTVESGRRLKPTNLGIVLVHGYYKIDAEL
VLPTIRSAVEKQLNLIAQGKADYRQVLGHTLDVFKRKFHYFVDSIAGMDELMEVSF
;
A
2 'polypeptide(L)'
;MAQVAGAALSQAGWYLSDEGIEACTSSPDKVNVNDIILIALNTDLRTIGKKFLPSDINSGKVEKLEGPCVLQIQKIRNVA
APKDNEESQAAPRMLRLQMTDGHISCTAVEFSYMSKISLNTPPGTKVKLSGIVDIKNGFLLLNDSNTTVLGGEVEHLIEK
W
;
B
3 'polyribonucleotide' ACUAAA E
4 'polyribonucleotide' AU G
#
# COMPACT_ATOMS: atom_id res chain seq x y z
N VAL A 1 -15.59 -58.19 12.05
CA VAL A 1 -16.10 -56.87 11.67
C VAL A 1 -15.33 -55.76 12.38
N MET A 2 -14.60 -54.97 11.59
CA MET A 2 -13.79 -53.87 12.11
C MET A 2 -14.49 -52.54 11.85
N LYS A 3 -14.29 -51.61 12.77
CA LYS A 3 -14.87 -50.28 12.61
C LYS A 3 -14.16 -49.50 11.51
N THR A 4 -14.82 -48.45 11.04
CA THR A 4 -14.32 -47.64 9.94
C THR A 4 -14.33 -46.17 10.32
N VAL A 5 -13.35 -45.44 9.79
CA VAL A 5 -13.24 -44.00 9.98
C VAL A 5 -13.09 -43.34 8.62
N LEU A 6 -13.88 -42.30 8.38
CA LEU A 6 -13.91 -41.59 7.12
C LEU A 6 -13.30 -40.21 7.27
N MET A 7 -12.42 -39.86 6.33
CA MET A 7 -11.74 -38.58 6.34
C MET A 7 -12.05 -37.81 5.06
N VAL A 8 -12.20 -36.50 5.17
CA VAL A 8 -12.53 -35.64 4.04
C VAL A 8 -11.45 -34.57 3.91
N ALA A 9 -10.92 -34.40 2.70
CA ALA A 9 -9.97 -33.35 2.40
C ALA A 9 -10.61 -32.33 1.46
N GLU A 10 -9.96 -31.17 1.34
CA GLU A 10 -10.50 -30.08 0.53
C GLU A 10 -10.15 -30.18 -0.95
N MET A 11 -9.29 -31.08 -1.36
CA MET A 11 -8.87 -31.14 -2.77
C MET A 11 -8.20 -32.48 -3.00
N PRO A 12 -8.39 -33.19 -4.10
CA PRO A 12 -7.88 -34.55 -4.31
C PRO A 12 -6.36 -34.67 -4.21
N SER A 13 -5.60 -33.64 -4.62
CA SER A 13 -4.15 -33.74 -4.51
C SER A 13 -3.71 -33.81 -3.05
N LEU A 14 -4.30 -32.96 -2.20
CA LEU A 14 -4.01 -33.03 -0.77
C LEU A 14 -4.49 -34.36 -0.19
N ALA A 15 -5.61 -34.87 -0.70
CA ALA A 15 -6.10 -36.17 -0.25
C ALA A 15 -5.07 -37.26 -0.54
N GLN A 16 -4.52 -37.28 -1.76
CA GLN A 16 -3.51 -38.26 -2.11
C GLN A 16 -2.24 -38.08 -1.29
N SER A 17 -1.84 -36.84 -1.03
CA SER A 17 -0.63 -36.60 -0.26
C SER A 17 -0.78 -37.13 1.17
N ILE A 18 -1.88 -36.79 1.84
CA ILE A 18 -2.10 -37.26 3.20
C ILE A 18 -2.37 -38.76 3.23
N ALA A 19 -2.82 -39.34 2.12
CA ALA A 19 -2.96 -40.79 2.07
C ALA A 19 -1.60 -41.48 1.95
N LYS A 20 -0.72 -40.96 1.10
CA LYS A 20 0.61 -41.53 0.97
C LYS A 20 1.37 -41.41 2.28
N ILE A 21 1.31 -40.25 2.92
CA ILE A 21 1.75 -40.16 4.31
C ILE A 21 0.76 -40.90 5.20
N LEU A 22 1.21 -41.25 6.40
CA LEU A 22 0.35 -41.80 7.45
C LEU A 22 -0.15 -43.21 7.13
N SER A 23 0.17 -43.74 5.95
CA SER A 23 -0.16 -45.11 5.60
C SER A 23 1.06 -45.97 5.36
N ARG A 24 2.27 -45.41 5.44
CA ARG A 24 3.51 -46.13 5.21
C ARG A 24 3.53 -46.79 3.84
N GLY A 25 3.00 -46.09 2.84
CA GLY A 25 3.07 -46.54 1.47
C GLY A 25 2.04 -47.56 1.05
N SER A 26 1.12 -47.95 1.94
CA SER A 26 0.09 -48.93 1.62
C SER A 26 -1.23 -48.22 1.41
N LEU A 27 -1.75 -48.32 0.17
CA LEU A 27 -3.03 -47.72 -0.20
C LEU A 27 -3.79 -48.68 -1.11
N SER A 28 -5.11 -48.49 -1.12
CA SER A 28 -5.96 -49.08 -2.15
C SER A 28 -6.80 -47.95 -2.72
N SER A 29 -6.59 -47.63 -3.99
CA SER A 29 -7.21 -46.48 -4.62
C SER A 29 -8.38 -46.89 -5.50
N HIS A 30 -9.48 -46.15 -5.42
CA HIS A 30 -10.63 -46.36 -6.27
C HIS A 30 -11.16 -45.01 -6.70
N LYS A 31 -11.87 -44.99 -7.82
CA LYS A 31 -12.57 -43.81 -8.28
C LYS A 31 -14.07 -44.12 -8.28
N GLY A 32 -14.82 -43.36 -7.48
CA GLY A 32 -16.24 -43.62 -7.33
C GLY A 32 -17.12 -42.47 -7.77
N LEU A 33 -18.22 -42.79 -8.44
CA LEU A 33 -19.18 -41.81 -8.91
C LEU A 33 -18.51 -40.74 -9.77
N ASN A 34 -18.31 -39.55 -9.21
CA ASN A 34 -17.64 -38.49 -9.94
C ASN A 34 -16.20 -38.87 -10.24
N GLY A 35 -15.73 -38.46 -11.43
CA GLY A 35 -14.37 -38.77 -11.83
C GLY A 35 -13.31 -37.95 -11.12
N ALA A 36 -13.68 -36.80 -10.59
CA ALA A 36 -12.69 -35.95 -9.92
C ALA A 36 -12.25 -36.53 -8.58
N CYS A 37 -13.22 -37.00 -7.79
CA CYS A 37 -12.93 -37.49 -6.45
C CYS A 37 -12.33 -38.89 -6.53
N SER A 38 -11.80 -39.33 -5.38
CA SER A 38 -11.22 -40.67 -5.27
C SER A 38 -11.33 -41.12 -3.83
N VAL A 39 -11.22 -42.43 -3.62
CA VAL A 39 -11.29 -43.04 -2.31
C VAL A 39 -10.01 -43.82 -2.08
N HIS A 40 -9.34 -43.53 -0.96
CA HIS A 40 -8.13 -44.25 -0.57
C HIS A 40 -8.44 -45.04 0.69
N GLU A 41 -8.18 -46.34 0.65
CA GLU A 41 -8.48 -47.24 1.76
C GLU A 41 -7.20 -47.85 2.31
N TYR A 42 -7.13 -47.94 3.64
CA TYR A 42 -6.02 -48.65 4.29
C TYR A 42 -6.46 -49.05 5.69
N THR A 43 -5.52 -49.58 6.47
CA THR A 43 -5.80 -50.08 7.81
C THR A 43 -4.83 -49.47 8.81
N GLY A 44 -5.26 -49.38 10.06
CA GLY A 44 -4.40 -48.79 11.07
C GLY A 44 -5.04 -48.84 12.45
N THR A 45 -4.56 -47.95 13.32
CA THR A 45 -5.03 -47.89 14.70
C THR A 45 -5.64 -46.52 14.98
N PHE A 46 -6.65 -46.50 15.85
CA PHE A 46 -7.35 -45.27 16.20
C PHE A 46 -8.17 -45.48 17.47
N ALA A 47 -7.99 -44.59 18.44
CA ALA A 47 -8.66 -44.66 19.73
C ALA A 47 -8.37 -45.98 20.47
N GLY A 48 -7.31 -46.68 20.07
CA GLY A 48 -6.89 -47.88 20.77
C GLY A 48 -7.40 -49.18 20.19
N GLN A 49 -8.02 -49.16 19.01
CA GLN A 49 -8.54 -50.37 18.40
C GLN A 49 -8.14 -50.43 16.94
N PRO A 50 -8.03 -51.63 16.37
CA PRO A 50 -7.82 -51.74 14.93
C PRO A 50 -8.99 -51.13 14.18
N VAL A 51 -8.70 -50.51 13.04
CA VAL A 51 -9.70 -49.75 12.31
C VAL A 51 -9.32 -49.69 10.84
N ARG A 52 -10.33 -49.58 9.99
CA ARG A 52 -10.10 -49.28 8.58
C ARG A 52 -10.33 -47.80 8.32
N PHE A 53 -9.52 -47.24 7.44
CA PHE A 53 -9.58 -45.83 7.10
C PHE A 53 -9.97 -45.68 5.64
N LYS A 54 -11.03 -44.93 5.39
CA LYS A 54 -11.43 -44.50 4.06
C LYS A 54 -11.30 -42.98 4.00
N MET A 55 -10.51 -42.48 3.06
CA MET A 55 -10.32 -41.04 2.98
C MET A 55 -10.54 -40.56 1.57
N THR A 56 -11.29 -39.47 1.42
CA THR A 56 -11.70 -38.95 0.13
C THR A 56 -11.58 -37.44 0.15
N SER A 57 -12.00 -36.80 -0.94
CA SER A 57 -11.89 -35.37 -1.09
C SER A 57 -13.20 -34.78 -1.62
N VAL A 58 -13.46 -33.53 -1.24
CA VAL A 58 -14.55 -32.75 -1.79
C VAL A 58 -13.96 -31.51 -2.45
N CYS A 59 -14.38 -31.24 -3.68
CA CYS A 59 -13.79 -30.17 -4.48
C CYS A 59 -14.49 -28.86 -4.13
N GLY A 60 -13.92 -28.15 -3.16
CA GLY A 60 -14.43 -26.84 -2.82
C GLY A 60 -15.78 -26.89 -2.11
N HIS A 61 -16.51 -25.78 -2.19
CA HIS A 61 -17.82 -25.69 -1.58
C HIS A 61 -18.76 -26.73 -2.17
N VAL A 62 -19.48 -27.44 -1.31
CA VAL A 62 -20.50 -28.36 -1.78
C VAL A 62 -21.72 -27.61 -2.28
N MET A 63 -22.14 -26.57 -1.55
CA MET A 63 -23.37 -25.86 -1.86
C MET A 63 -23.14 -24.35 -1.78
N THR A 64 -23.95 -23.60 -2.52
CA THR A 64 -23.88 -22.15 -2.54
C THR A 64 -25.27 -21.56 -2.37
N LEU A 65 -25.31 -20.31 -1.92
CA LEU A 65 -26.54 -19.64 -1.54
C LEU A 65 -27.18 -18.97 -2.75
N ASP A 66 -28.48 -19.18 -2.91
CA ASP A 66 -29.21 -18.58 -4.01
C ASP A 66 -30.66 -18.41 -3.60
N PHE A 67 -31.36 -17.54 -4.33
CA PHE A 67 -32.74 -17.23 -4.03
C PHE A 67 -33.65 -18.39 -4.44
N LEU A 68 -34.83 -18.42 -3.83
CA LEU A 68 -35.76 -19.54 -3.97
C LEU A 68 -36.99 -19.09 -4.73
N GLY A 69 -37.48 -19.98 -5.60
CA GLY A 69 -38.75 -19.74 -6.25
C GLY A 69 -38.67 -18.64 -7.30
N LYS A 70 -39.73 -17.82 -7.34
CA LYS A 70 -39.86 -16.81 -8.38
C LYS A 70 -38.91 -15.64 -8.19
N TYR A 71 -38.39 -15.44 -6.97
CA TYR A 71 -37.65 -14.22 -6.69
C TYR A 71 -36.25 -14.32 -7.27
N ASN A 72 -36.19 -14.67 -8.56
CA ASN A 72 -34.92 -14.76 -9.33
C ASN A 72 -35.23 -14.41 -10.78
N LYS A 73 -36.51 -14.34 -11.19
CA LYS A 73 -36.87 -13.81 -12.50
C LYS A 73 -36.90 -12.29 -12.42
N TRP A 74 -36.11 -11.63 -13.27
CA TRP A 74 -35.81 -10.22 -13.08
C TRP A 74 -37.02 -9.33 -13.30
N ASP A 75 -37.96 -9.76 -14.15
CA ASP A 75 -39.04 -8.88 -14.55
C ASP A 75 -40.26 -8.95 -13.66
N LYS A 76 -40.31 -9.87 -12.69
CA LYS A 76 -41.53 -10.08 -11.92
C LYS A 76 -41.33 -9.88 -10.42
N VAL A 77 -40.17 -9.40 -9.98
CA VAL A 77 -39.91 -9.15 -8.57
C VAL A 77 -39.34 -7.75 -8.42
N ASP A 78 -39.85 -7.02 -7.45
CA ASP A 78 -39.32 -5.69 -7.16
C ASP A 78 -37.94 -5.84 -6.53
N PRO A 79 -36.92 -5.13 -7.03
CA PRO A 79 -35.58 -5.26 -6.43
C PRO A 79 -35.56 -4.94 -4.95
N ALA A 80 -36.31 -3.93 -4.52
CA ALA A 80 -36.33 -3.57 -3.11
C ALA A 80 -36.89 -4.68 -2.24
N GLU A 81 -37.57 -5.66 -2.85
CA GLU A 81 -38.11 -6.79 -2.12
C GLU A 81 -37.03 -7.83 -1.79
N LEU A 82 -35.86 -7.73 -2.40
CA LEU A 82 -34.81 -8.74 -2.18
C LEU A 82 -34.20 -8.67 -0.78
N PHE A 83 -34.36 -7.57 -0.06
CA PHE A 83 -33.62 -7.39 1.18
C PHE A 83 -34.14 -8.27 2.30
N SER A 84 -35.44 -8.36 2.47
CA SER A 84 -35.97 -9.13 3.59
C SER A 84 -37.00 -10.18 3.18
N GLN A 85 -37.82 -9.89 2.18
CA GLN A 85 -38.91 -10.79 1.84
C GLN A 85 -38.45 -12.03 1.07
N ALA A 86 -37.41 -11.91 0.24
CA ALA A 86 -36.99 -13.02 -0.60
C ALA A 86 -36.18 -14.02 0.21
N PRO A 87 -36.62 -15.26 0.33
CA PRO A 87 -35.84 -16.25 1.08
C PRO A 87 -34.69 -16.81 0.28
N THR A 88 -33.75 -17.43 1.00
CA THR A 88 -32.54 -17.96 0.41
C THR A 88 -32.37 -19.42 0.82
N GLU A 89 -31.64 -20.17 0.00
CA GLU A 89 -31.33 -21.55 0.33
C GLU A 89 -30.00 -21.93 -0.31
N LYS A 90 -29.35 -22.92 0.30
CA LYS A 90 -28.07 -23.42 -0.19
C LYS A 90 -28.35 -24.60 -1.12
N LYS A 91 -28.31 -24.34 -2.42
CA LYS A 91 -28.79 -25.34 -3.38
C LYS A 91 -27.72 -26.37 -3.75
N GLU A 92 -26.65 -25.94 -4.40
CA GLU A 92 -25.61 -26.83 -4.91
C GLU A 92 -24.54 -26.04 -5.64
N ALA A 93 -23.35 -26.60 -5.81
CA ALA A 93 -22.29 -25.99 -6.60
C ALA A 93 -21.69 -27.04 -7.51
N ASN A 94 -21.56 -26.69 -8.79
CA ASN A 94 -21.01 -27.54 -9.85
C ASN A 94 -21.86 -28.81 -9.84
N PRO A 95 -23.14 -28.72 -10.24
CA PRO A 95 -24.06 -29.85 -10.05
C PRO A 95 -23.64 -31.10 -10.78
N LYS A 96 -22.81 -30.99 -11.82
CA LYS A 96 -22.41 -32.17 -12.57
C LYS A 96 -21.61 -33.14 -11.71
N LEU A 97 -21.06 -32.69 -10.58
CA LEU A 97 -20.47 -33.63 -9.62
C LEU A 97 -21.47 -33.83 -8.50
N ASN A 98 -22.05 -35.03 -8.42
CA ASN A 98 -23.02 -35.32 -7.38
C ASN A 98 -22.30 -35.45 -6.04
N MET A 99 -21.87 -34.33 -5.48
CA MET A 99 -21.05 -34.36 -4.27
C MET A 99 -21.84 -34.87 -3.07
N VAL A 100 -23.10 -34.43 -2.94
CA VAL A 100 -23.90 -34.88 -1.80
C VAL A 100 -24.15 -36.38 -1.89
N LYS A 101 -24.49 -36.87 -3.09
CA LYS A 101 -24.72 -38.30 -3.26
C LYS A 101 -23.44 -39.09 -3.01
N PHE A 102 -22.30 -38.57 -3.47
CA PHE A 102 -21.04 -39.26 -3.25
C PHE A 102 -20.71 -39.35 -1.77
N LEU A 103 -20.90 -38.26 -1.04
CA LEU A 103 -20.64 -38.29 0.39
C LEU A 103 -21.57 -39.25 1.10
N GLN A 104 -22.85 -39.26 0.70
CA GLN A 104 -23.81 -40.15 1.34
C GLN A 104 -23.45 -41.61 1.10
N VAL A 105 -23.07 -41.96 -0.13
CA VAL A 105 -22.74 -43.35 -0.41
C VAL A 105 -21.42 -43.73 0.23
N GLU A 106 -20.50 -42.77 0.41
CA GLU A 106 -19.22 -43.09 1.03
C GLU A 106 -19.37 -43.29 2.53
N GLY A 107 -20.19 -42.47 3.18
CA GLY A 107 -20.34 -42.59 4.62
C GLY A 107 -21.48 -43.49 5.04
N ARG A 108 -21.75 -44.53 4.24
CA ARG A 108 -22.85 -45.43 4.57
C ARG A 108 -22.61 -46.18 5.86
N GLY A 109 -21.37 -46.63 6.08
CA GLY A 109 -21.09 -47.43 7.26
C GLY A 109 -19.99 -46.89 8.15
N CYS A 110 -19.68 -45.61 8.03
CA CYS A 110 -18.63 -45.03 8.85
C CYS A 110 -19.12 -44.82 10.28
N ASP A 111 -18.20 -44.96 11.23
CA ASP A 111 -18.51 -44.77 12.65
C ASP A 111 -17.91 -43.50 13.22
N TYR A 112 -16.83 -42.98 12.63
CA TYR A 112 -16.23 -41.72 13.03
C TYR A 112 -15.98 -40.88 11.78
N ILE A 113 -15.83 -39.57 11.98
CA ILE A 113 -15.48 -38.65 10.92
C ILE A 113 -14.38 -37.72 11.42
N VAL A 114 -13.34 -37.54 10.63
CA VAL A 114 -12.24 -36.63 10.93
C VAL A 114 -12.09 -35.69 9.73
N LEU A 115 -12.22 -34.40 9.97
CA LEU A 115 -12.18 -33.41 8.91
C LEU A 115 -10.76 -32.89 8.75
N TRP A 116 -10.17 -33.11 7.57
CA TRP A 116 -8.83 -32.63 7.25
C TRP A 116 -8.87 -31.36 6.41
N LEU A 117 -9.83 -30.48 6.67
CA LEU A 117 -10.02 -29.34 5.81
C LEU A 117 -9.09 -28.20 6.21
N ASP A 118 -9.07 -27.16 5.39
CA ASP A 118 -8.14 -26.06 5.60
C ASP A 118 -8.45 -25.34 6.91
N CYS A 119 -7.40 -24.76 7.51
CA CYS A 119 -7.54 -24.04 8.78
C CYS A 119 -7.82 -22.57 8.47
N ASP A 120 -9.06 -22.30 8.10
CA ASP A 120 -9.50 -20.93 7.83
C ASP A 120 -11.03 -20.89 7.89
N LYS A 121 -11.57 -19.70 7.65
CA LYS A 121 -13.01 -19.49 7.76
C LYS A 121 -13.78 -20.34 6.74
N GLU A 122 -13.34 -20.30 5.48
CA GLU A 122 -13.99 -21.09 4.45
C GLU A 122 -13.83 -22.58 4.72
N GLY A 123 -12.68 -22.99 5.23
CA GLY A 123 -12.51 -24.38 5.63
C GLY A 123 -13.51 -24.80 6.69
N GLU A 124 -13.75 -23.93 7.67
CA GLU A 124 -14.73 -24.25 8.71
C GLU A 124 -16.14 -24.35 8.13
N ASN A 125 -16.48 -23.44 7.22
CA ASN A 125 -17.80 -23.49 6.59
C ASN A 125 -17.99 -24.80 5.84
N ILE A 126 -17.01 -25.19 5.02
CA ILE A 126 -17.12 -26.45 4.29
C ILE A 126 -17.12 -27.62 5.26
N CYS A 127 -16.41 -27.50 6.38
CA CYS A 127 -16.45 -28.55 7.40
C CYS A 127 -17.88 -28.78 7.87
N PHE A 128 -18.57 -27.70 8.25
CA PHE A 128 -19.93 -27.87 8.75
C PHE A 128 -20.88 -28.31 7.64
N GLU A 129 -20.64 -27.90 6.41
CA GLU A 129 -21.49 -28.34 5.30
C GLU A 129 -21.38 -29.84 5.08
N VAL A 130 -20.15 -30.34 4.97
CA VAL A 130 -19.95 -31.78 4.82
C VAL A 130 -20.48 -32.53 6.03
N LEU A 131 -20.31 -31.94 7.22
CA LEU A 131 -20.75 -32.58 8.44
C LEU A 131 -22.26 -32.77 8.42
N ASP A 132 -23.00 -31.70 8.10
CA ASP A 132 -24.45 -31.79 7.97
C ASP A 132 -24.85 -32.79 6.91
N ALA A 133 -24.05 -32.89 5.84
CA ALA A 133 -24.34 -33.89 4.82
C ALA A 133 -24.23 -35.31 5.36
N VAL A 134 -23.24 -35.56 6.23
CA VAL A 134 -22.87 -36.95 6.54
C VAL A 134 -23.56 -37.50 7.79
N LEU A 135 -23.85 -36.65 8.79
CA LEU A 135 -24.54 -37.17 9.99
C LEU A 135 -25.82 -37.96 9.73
N PRO A 136 -26.73 -37.56 8.83
CA PRO A 136 -27.96 -38.34 8.66
C PRO A 136 -27.74 -39.79 8.24
N VAL A 137 -26.55 -40.15 7.74
CA VAL A 137 -26.32 -41.51 7.28
C VAL A 137 -25.36 -42.29 8.18
N MET A 138 -24.64 -41.62 9.08
CA MET A 138 -23.69 -42.30 9.95
C MET A 138 -24.41 -43.23 10.92
N ASN A 139 -23.62 -44.10 11.56
CA ASN A 139 -24.16 -44.96 12.60
C ASN A 139 -24.54 -44.13 13.83
N LYS A 140 -25.49 -44.64 14.60
CA LYS A 140 -25.98 -43.91 15.76
C LYS A 140 -24.94 -43.82 16.87
N ALA A 141 -23.87 -44.59 16.79
CA ALA A 141 -22.73 -44.52 17.72
C ALA A 141 -23.22 -44.91 19.11
N HIS A 142 -23.02 -44.08 20.13
CA HIS A 142 -23.29 -44.47 21.52
C HIS A 142 -23.71 -43.22 22.28
N GLY A 143 -23.64 -43.28 23.61
CA GLY A 143 -24.08 -42.19 24.45
C GLY A 143 -23.03 -41.12 24.61
N GLY A 144 -22.56 -40.88 25.83
CA GLY A 144 -21.63 -39.80 26.06
C GLY A 144 -20.26 -40.05 25.46
N GLU A 145 -20.22 -40.25 24.15
CA GLU A 145 -18.99 -40.51 23.42
C GLU A 145 -18.84 -39.46 22.32
N LYS A 146 -17.60 -39.04 22.08
CA LYS A 146 -17.34 -37.98 21.11
C LYS A 146 -16.93 -38.59 19.78
N THR A 147 -17.57 -38.14 18.69
CA THR A 147 -17.45 -38.81 17.41
C THR A 147 -16.89 -37.91 16.31
N VAL A 148 -17.26 -36.65 16.30
CA VAL A 148 -16.80 -35.72 15.28
C VAL A 148 -15.42 -35.18 15.68
N PHE A 149 -14.51 -35.10 14.71
CA PHE A 149 -13.15 -34.67 14.94
C PHE A 149 -12.74 -33.61 13.92
N ARG A 150 -11.72 -32.84 14.27
CA ARG A 150 -11.10 -31.91 13.33
C ARG A 150 -9.61 -31.86 13.59
N ALA A 151 -8.84 -31.77 12.51
CA ALA A 151 -7.39 -31.76 12.58
C ALA A 151 -6.87 -30.41 12.08
N ARG A 152 -5.80 -29.93 12.70
CA ARG A 152 -5.21 -28.64 12.36
C ARG A 152 -3.83 -28.88 11.76
N PHE A 153 -3.61 -28.38 10.56
CA PHE A 153 -2.36 -28.60 9.86
C PHE A 153 -2.05 -27.40 8.98
N SER A 154 -0.74 -27.21 8.74
CA SER A 154 -0.29 -26.16 7.84
C SER A 154 0.80 -26.61 6.88
N SER A 155 1.44 -27.75 7.10
CA SER A 155 2.46 -28.27 6.23
C SER A 155 2.19 -29.75 5.97
N ILE A 156 2.78 -30.26 4.89
CA ILE A 156 2.48 -31.61 4.43
C ILE A 156 3.70 -32.50 4.64
N THR A 157 4.48 -32.22 5.68
CA THR A 157 5.59 -33.07 6.02
C THR A 157 5.14 -34.23 6.90
N ASP A 158 5.95 -35.29 6.93
CA ASP A 158 5.58 -36.51 7.63
C ASP A 158 5.41 -36.26 9.12
N THR A 159 6.37 -35.58 9.74
CA THR A 159 6.28 -35.34 11.17
C THR A 159 5.08 -34.48 11.52
N ASP A 160 4.81 -33.44 10.73
CA ASP A 160 3.69 -32.56 11.02
C ASP A 160 2.36 -33.29 10.88
N ILE A 161 2.22 -34.12 9.84
CA ILE A 161 0.96 -34.85 9.66
C ILE A 161 0.77 -35.87 10.79
N CYS A 162 1.84 -36.56 11.18
CA CYS A 162 1.71 -37.52 12.27
C CYS A 162 1.36 -36.83 13.57
N ASN A 163 1.95 -35.66 13.83
CA ASN A 163 1.59 -34.90 15.03
C ASN A 163 0.13 -34.46 14.98
N ALA A 164 -0.33 -34.01 13.81
CA ALA A 164 -1.71 -33.57 13.67
C ALA A 164 -2.69 -34.72 13.88
N MET A 165 -2.29 -35.94 13.52
CA MET A 165 -3.12 -37.09 13.89
C MET A 165 -3.01 -37.42 15.37
N ALA A 166 -1.85 -37.17 15.97
CA ALA A 166 -1.68 -37.45 17.40
C ALA A 166 -2.59 -36.57 18.24
N CYS A 167 -2.71 -35.30 17.89
CA CYS A 167 -3.55 -34.35 18.62
C CYS A 167 -4.70 -33.87 17.76
N LEU A 168 -5.92 -34.03 18.26
CA LEU A 168 -7.12 -33.67 17.51
C LEU A 168 -7.97 -32.70 18.32
N GLY A 169 -8.79 -31.92 17.61
CA GLY A 169 -9.61 -30.89 18.22
C GLY A 169 -11.07 -31.03 17.80
N GLU A 170 -11.79 -29.92 17.88
CA GLU A 170 -13.20 -29.84 17.56
C GLU A 170 -13.48 -28.61 16.72
N PRO A 171 -14.53 -28.62 15.92
CA PRO A 171 -14.89 -27.44 15.12
C PRO A 171 -15.59 -26.40 15.98
N ASP A 172 -15.76 -25.21 15.41
CA ASP A 172 -16.50 -24.14 16.04
C ASP A 172 -17.64 -23.67 15.14
N HIS A 173 -18.78 -23.34 15.76
CA HIS A 173 -19.96 -22.97 15.01
C HIS A 173 -19.97 -21.49 14.63
N ASN A 174 -19.28 -20.67 15.44
CA ASN A 174 -19.36 -19.23 15.24
C ASN A 174 -18.70 -18.79 13.94
N GLU A 175 -17.58 -19.43 13.57
CA GLU A 175 -16.94 -19.09 12.30
C GLU A 175 -17.84 -19.42 11.12
N ALA A 176 -18.48 -20.58 11.16
CA ALA A 176 -19.41 -20.95 10.10
C ALA A 176 -20.57 -19.97 10.02
N LEU A 177 -21.09 -19.56 11.18
CA LEU A 177 -22.16 -18.56 11.17
C LEU A 177 -21.67 -17.24 10.59
N SER A 178 -20.42 -16.87 10.88
CA SER A 178 -19.87 -15.63 10.35
C SER A 178 -19.79 -15.66 8.84
N VAL A 179 -19.27 -16.75 8.28
CA VAL A 179 -19.17 -16.81 6.82
C VAL A 179 -20.55 -16.92 6.18
N ASP A 180 -21.51 -17.57 6.84
CA ASP A 180 -22.87 -17.60 6.30
C ASP A 180 -23.46 -16.19 6.24
N ALA A 181 -23.28 -15.41 7.31
CA ALA A 181 -23.77 -14.04 7.30
C ALA A 181 -23.08 -13.23 6.21
N ARG A 182 -21.77 -13.42 6.03
CA ARG A 182 -21.05 -12.70 4.99
C ARG A 182 -21.62 -13.03 3.61
N GLN A 183 -21.86 -14.30 3.34
CA GLN A 183 -22.42 -14.69 2.05
C GLN A 183 -23.79 -14.07 1.83
N GLU A 184 -24.65 -14.11 2.85
CA GLU A 184 -26.00 -13.59 2.69
C GLU A 184 -25.99 -12.09 2.45
N LEU A 185 -25.16 -11.35 3.19
CA LEU A 185 -25.06 -9.91 2.98
C LEU A 185 -24.56 -9.58 1.59
N ASP A 186 -23.46 -10.22 1.18
CA ASP A 186 -22.92 -9.90 -0.13
C ASP A 186 -23.88 -10.30 -1.25
N LEU A 187 -24.73 -11.30 -1.01
CA LEU A 187 -25.73 -11.63 -2.01
C LEU A 187 -26.76 -10.51 -2.13
N ARG A 188 -27.46 -10.22 -1.03
CA ARG A 188 -28.59 -9.29 -1.09
C ARG A 188 -28.12 -7.89 -1.46
N ILE A 189 -27.21 -7.33 -0.67
CA ILE A 189 -26.67 -6.02 -0.99
C ILE A 189 -25.71 -6.20 -2.13
N GLY A 190 -26.16 -5.86 -3.33
CA GLY A 190 -25.40 -6.05 -4.54
C GLY A 190 -26.25 -6.72 -5.59
N CYS A 191 -27.02 -7.74 -5.24
CA CYS A 191 -28.00 -8.24 -6.19
C CYS A 191 -29.12 -7.23 -6.38
N ALA A 192 -29.63 -6.66 -5.28
CA ALA A 192 -30.67 -5.65 -5.39
C ALA A 192 -30.19 -4.45 -6.20
N PHE A 193 -28.99 -3.95 -5.89
CA PHE A 193 -28.47 -2.77 -6.57
C PHE A 193 -28.23 -3.03 -8.04
N THR A 194 -27.61 -4.17 -8.38
CA THR A 194 -27.35 -4.47 -9.78
C THR A 194 -28.65 -4.62 -10.56
N ARG A 195 -29.65 -5.29 -9.97
CA ARG A 195 -30.92 -5.44 -10.66
C ARG A 195 -31.56 -4.09 -10.93
N PHE A 196 -31.58 -3.21 -9.92
CA PHE A 196 -32.20 -1.90 -10.12
C PHE A 196 -31.46 -1.10 -11.19
N GLN A 197 -30.13 -1.05 -11.11
CA GLN A 197 -29.38 -0.23 -12.05
C GLN A 197 -29.53 -0.75 -13.48
N THR A 198 -29.45 -2.06 -13.67
CA THR A 198 -29.57 -2.61 -15.00
C THR A 198 -30.98 -2.38 -15.56
N LYS A 199 -32.01 -2.55 -14.73
CA LYS A 199 -33.37 -2.34 -15.22
C LYS A 199 -33.64 -0.88 -15.51
N TYR A 200 -32.96 0.03 -14.80
CA TYR A 200 -33.24 1.45 -14.99
C TYR A 200 -32.49 2.02 -16.18
N PHE A 201 -31.17 1.83 -16.24
CA PHE A 201 -30.38 2.52 -17.25
C PHE A 201 -30.59 1.95 -18.64
N GLN A 202 -30.96 0.68 -18.75
CA GLN A 202 -31.20 0.10 -20.06
C GLN A 202 -32.39 0.77 -20.75
N GLY A 203 -33.43 1.07 -19.99
CA GLY A 203 -34.65 1.62 -20.56
C GLY A 203 -34.64 3.10 -20.85
N LYS A 204 -33.63 3.84 -20.42
CA LYS A 204 -33.57 5.28 -20.64
C LYS A 204 -32.53 5.70 -21.66
N TYR A 205 -31.39 5.01 -21.71
CA TYR A 205 -30.32 5.35 -22.65
C TYR A 205 -30.07 4.16 -23.57
N GLY A 206 -30.01 4.43 -24.88
CA GLY A 206 -29.97 3.37 -25.86
C GLY A 206 -28.60 2.77 -26.12
N ASP A 207 -27.53 3.53 -25.85
CA ASP A 207 -26.19 3.02 -26.11
C ASP A 207 -25.79 1.89 -25.18
N LEU A 208 -26.55 1.64 -24.12
CA LEU A 208 -26.28 0.56 -23.17
C LEU A 208 -27.44 -0.41 -23.13
N ASP A 209 -27.97 -0.78 -24.30
CA ASP A 209 -29.11 -1.67 -24.35
C ASP A 209 -28.73 -3.06 -23.84
N SER A 210 -27.64 -3.62 -24.37
CA SER A 210 -27.24 -4.98 -24.04
C SER A 210 -26.17 -5.03 -22.95
N SER A 211 -25.77 -3.90 -22.40
CA SER A 211 -24.74 -3.90 -21.37
C SER A 211 -25.35 -4.20 -20.01
N LEU A 212 -24.48 -4.49 -19.05
CA LEU A 212 -24.88 -4.79 -17.68
C LEU A 212 -24.13 -3.88 -16.74
N ILE A 213 -24.85 -3.11 -15.92
CA ILE A 213 -24.26 -2.26 -14.91
C ILE A 213 -24.35 -3.00 -13.57
N SER A 214 -23.20 -3.23 -12.94
CA SER A 214 -23.12 -4.08 -11.76
C SER A 214 -22.55 -3.30 -10.59
N PHE A 215 -23.06 -3.60 -9.40
CA PHE A 215 -22.62 -2.99 -8.16
C PHE A 215 -22.28 -4.07 -7.16
N GLY A 216 -21.34 -3.77 -6.27
CA GLY A 216 -20.96 -4.72 -5.25
C GLY A 216 -20.02 -4.13 -4.23
N PRO A 217 -19.90 -4.80 -3.08
CA PRO A 217 -18.96 -4.34 -2.04
C PRO A 217 -17.52 -4.73 -2.27
N CYS A 218 -17.14 -5.20 -3.46
CA CYS A 218 -15.76 -5.57 -3.70
C CYS A 218 -15.22 -4.98 -5.00
N GLN A 219 -16.08 -4.78 -6.01
CA GLN A 219 -15.62 -4.25 -7.28
C GLN A 219 -15.88 -2.76 -7.44
N THR A 220 -16.92 -2.24 -6.78
CA THR A 220 -17.14 -0.80 -6.81
C THR A 220 -15.99 0.00 -6.19
N PRO A 221 -15.45 -0.36 -5.02
CA PRO A 221 -14.25 0.35 -4.55
C PRO A 221 -13.05 0.18 -5.47
N THR A 222 -12.91 -0.97 -6.12
CA THR A 222 -11.82 -1.14 -7.08
C THR A 222 -11.93 -0.16 -8.23
N LEU A 223 -13.15 0.02 -8.75
CA LEU A 223 -13.36 1.07 -9.75
C LEU A 223 -13.12 2.45 -9.16
N GLY A 224 -13.46 2.62 -7.89
CA GLY A 224 -13.29 3.93 -7.25
C GLY A 224 -11.83 4.33 -7.15
N PHE A 225 -10.94 3.36 -6.95
CA PHE A 225 -9.51 3.68 -6.90
C PHE A 225 -9.05 4.28 -8.23
N CYS A 226 -9.41 3.65 -9.34
CA CYS A 226 -9.01 4.15 -10.64
C CYS A 226 -9.67 5.49 -10.95
N VAL A 227 -10.92 5.68 -10.54
CA VAL A 227 -11.58 6.96 -10.76
C VAL A 227 -10.91 8.06 -9.95
N GLU A 228 -10.50 7.76 -8.71
CA GLU A 228 -9.77 8.73 -7.91
C GLU A 228 -8.44 9.09 -8.57
N ARG A 229 -7.74 8.09 -9.09
CA ARG A 229 -6.49 8.38 -9.79
C ARG A 229 -6.73 9.27 -10.99
N HIS A 230 -7.78 9.00 -11.76
CA HIS A 230 -8.09 9.84 -12.91
C HIS A 230 -8.41 11.26 -12.50
N ASP A 231 -9.14 11.42 -11.40
CA ASP A 231 -9.45 12.76 -10.90
C ASP A 231 -8.16 13.49 -10.52
N LYS A 232 -7.24 12.81 -9.84
CA LYS A 232 -5.98 13.45 -9.49
C LYS A 232 -5.18 13.83 -10.74
N ILE A 233 -5.20 12.97 -11.76
CA ILE A 233 -4.48 13.29 -13.00
C ILE A 233 -5.06 14.53 -13.65
N GLN A 234 -6.39 14.58 -13.74
CA GLN A 234 -7.06 15.68 -14.44
C GLN A 234 -7.14 16.95 -13.61
N SER A 235 -6.82 16.89 -12.32
CA SER A 235 -6.88 18.08 -11.48
C SER A 235 -5.49 18.49 -11.00
N PHE A 236 -4.52 18.47 -11.91
CA PHE A 236 -3.12 18.73 -11.57
C PHE A 236 -2.63 19.95 -12.35
N LYS A 237 -2.05 20.91 -11.64
CA LYS A 237 -1.45 22.09 -12.24
C LYS A 237 0.06 22.04 -12.07
N PRO A 238 0.83 21.91 -13.14
CA PRO A 238 2.29 21.81 -13.00
C PRO A 238 2.91 23.09 -12.48
N GLU A 239 4.08 22.93 -11.85
CA GLU A 239 4.87 24.04 -11.36
C GLU A 239 6.27 23.96 -11.96
N THR A 240 6.93 25.12 -12.05
CA THR A 240 8.27 25.21 -12.60
C THR A 240 9.27 25.42 -11.48
N TYR A 241 10.45 24.81 -11.61
CA TYR A 241 11.44 24.88 -10.54
C TYR A 241 12.84 24.78 -11.12
N TRP A 242 13.81 25.21 -10.31
CA TRP A 242 15.20 25.35 -10.74
C TRP A 242 16.10 24.52 -9.82
N VAL A 243 17.04 23.79 -10.43
CA VAL A 243 18.01 22.98 -9.70
C VAL A 243 19.40 23.36 -10.19
N LEU A 244 20.31 23.58 -9.25
CA LEU A 244 21.65 24.06 -9.56
C LEU A 244 22.63 22.89 -9.52
N GLN A 245 23.37 22.69 -10.61
CA GLN A 245 24.29 21.58 -10.74
C GLN A 245 25.69 22.09 -11.04
N ALA A 246 26.68 21.38 -10.51
CA ALA A 246 28.08 21.74 -10.63
C ALA A 246 28.88 20.56 -11.15
N LYS A 247 29.80 20.83 -12.07
CA LYS A 247 30.71 19.82 -12.59
C LYS A 247 32.11 20.13 -12.08
N VAL A 248 32.76 19.14 -11.45
CA VAL A 248 34.09 19.32 -10.91
C VAL A 248 35.04 18.34 -11.58
N ASN A 249 36.17 18.85 -12.07
CA ASN A 249 37.17 18.03 -12.74
C ASN A 249 38.34 17.81 -11.80
N THR A 250 38.64 16.55 -11.50
CA THR A 250 39.68 16.21 -10.53
C THR A 250 41.02 15.94 -11.21
N ASP A 251 41.10 14.92 -12.05
CA ASP A 251 42.34 14.53 -12.71
C ASP A 251 42.08 14.31 -14.18
N LYS A 252 42.64 15.19 -15.02
CA LYS A 252 42.59 15.05 -16.48
C LYS A 252 41.14 14.98 -16.91
N ASP A 253 40.67 13.89 -17.50
CA ASP A 253 39.32 13.79 -18.04
C ASP A 253 38.33 13.17 -17.07
N ARG A 254 38.62 13.22 -15.76
CA ARG A 254 37.71 12.70 -14.75
C ARG A 254 36.80 13.82 -14.28
N SER A 255 35.52 13.72 -14.59
CA SER A 255 34.53 14.74 -14.24
C SER A 255 33.48 14.13 -13.32
N LEU A 256 33.13 14.86 -12.26
CA LEU A 256 32.15 14.44 -11.29
C LEU A 256 30.96 15.40 -11.31
N LEU A 257 29.75 14.83 -11.35
CA LEU A 257 28.51 15.59 -11.34
C LEU A 257 28.07 15.78 -9.89
N LEU A 258 28.20 16.99 -9.39
CA LEU A 258 27.81 17.30 -8.02
C LEU A 258 26.31 17.56 -7.93
N ASP A 259 25.75 17.25 -6.77
CA ASP A 259 24.33 17.45 -6.50
C ASP A 259 24.15 18.48 -5.40
N TRP A 260 23.16 19.35 -5.57
CA TRP A 260 22.90 20.39 -4.59
C TRP A 260 22.29 19.80 -3.32
N ASP A 261 22.74 20.30 -2.17
CA ASP A 261 22.17 19.84 -0.90
C ASP A 261 20.72 20.25 -0.78
N ARG A 262 20.40 21.52 -1.05
CA ARG A 262 19.02 21.95 -1.23
C ARG A 262 18.60 21.53 -2.63
N VAL A 263 17.76 20.49 -2.71
CA VAL A 263 17.55 19.82 -3.98
C VAL A 263 16.84 20.73 -4.99
N ARG A 264 15.92 21.55 -4.51
CA ARG A 264 15.06 22.30 -5.41
C ARG A 264 14.67 23.63 -4.77
N VAL A 265 14.58 24.66 -5.60
CA VAL A 265 14.09 25.98 -5.20
C VAL A 265 13.09 26.44 -6.24
N PHE A 266 11.91 26.87 -5.78
CA PHE A 266 10.80 27.15 -6.69
C PHE A 266 10.63 28.64 -6.98
N ASP A 267 11.70 29.42 -6.87
CA ASP A 267 11.62 30.86 -7.12
C ASP A 267 12.75 31.30 -8.04
N ARG A 268 12.36 32.03 -9.10
CA ARG A 268 13.32 32.48 -10.09
C ARG A 268 14.39 33.38 -9.46
N GLU A 269 13.96 34.33 -8.63
CA GLU A 269 14.91 35.25 -8.02
C GLU A 269 15.86 34.55 -7.07
N ILE A 270 15.35 33.58 -6.30
CA ILE A 270 16.19 32.85 -5.36
C ILE A 270 17.24 32.04 -6.12
N ALA A 271 16.80 31.34 -7.17
CA ALA A 271 17.73 30.56 -7.98
C ALA A 271 18.79 31.47 -8.61
N GLN A 272 18.36 32.64 -9.10
CA GLN A 272 19.31 33.58 -9.69
C GLN A 272 20.31 34.08 -8.66
N MET A 273 19.86 34.35 -7.44
CA MET A 273 20.78 34.81 -6.40
C MET A 273 21.82 33.74 -6.09
N PHE A 274 21.38 32.49 -5.94
CA PHE A 274 22.34 31.44 -5.66
C PHE A 274 23.31 31.22 -6.81
N LEU A 275 22.83 31.32 -8.05
CA LEU A 275 23.75 31.22 -9.19
C LEU A 275 24.76 32.36 -9.19
N ASN A 276 24.29 33.58 -8.90
CA ASN A 276 25.17 34.74 -8.91
C ASN A 276 26.18 34.70 -7.78
N MET A 277 25.89 33.99 -6.69
CA MET A 277 26.79 33.90 -5.55
C MET A 277 27.70 32.69 -5.63
N THR A 278 27.65 31.94 -6.72
CA THR A 278 28.49 30.75 -6.91
C THR A 278 29.30 30.77 -8.20
N LYS A 279 28.75 31.31 -9.29
CA LYS A 279 29.37 31.14 -10.60
C LYS A 279 30.75 31.78 -10.68
N LEU A 280 31.00 32.83 -9.89
CA LEU A 280 32.27 33.56 -10.02
C LEU A 280 33.45 32.72 -9.54
N GLU A 281 33.26 31.94 -8.48
CA GLU A 281 34.38 31.24 -7.88
C GLU A 281 34.88 30.14 -8.79
N LYS A 282 36.18 29.87 -8.70
CA LYS A 282 36.86 28.90 -9.56
C LYS A 282 37.56 27.81 -8.77
N GLU A 283 37.19 27.62 -7.50
CA GLU A 283 37.91 26.73 -6.61
C GLU A 283 36.91 26.03 -5.69
N ALA A 284 37.30 24.86 -5.19
CA ALA A 284 36.46 24.05 -4.33
C ALA A 284 37.26 23.44 -3.18
N GLN A 285 36.56 23.18 -2.08
CA GLN A 285 37.08 22.48 -0.92
C GLN A 285 36.16 21.33 -0.52
N VAL A 286 36.77 20.30 0.05
CA VAL A 286 36.07 19.10 0.49
C VAL A 286 35.94 19.17 2.01
N GLU A 287 34.76 18.84 2.52
CA GLU A 287 34.45 18.98 3.93
C GLU A 287 34.33 17.64 4.64
N ALA A 288 33.49 16.75 4.14
CA ALA A 288 33.22 15.48 4.81
C ALA A 288 33.41 14.33 3.85
N THR A 289 34.03 13.26 4.34
CA THR A 289 34.20 12.03 3.59
C THR A 289 33.61 10.88 4.40
N SER A 290 32.87 10.00 3.74
CA SER A 290 32.18 8.93 4.42
C SER A 290 32.42 7.61 3.68
N ARG A 291 32.38 6.52 4.45
CA ARG A 291 32.54 5.17 3.89
C ARG A 291 31.83 4.22 4.85
N LYS A 292 30.61 3.84 4.50
CA LYS A 292 29.76 3.02 5.35
C LYS A 292 29.35 1.76 4.61
N GLU A 293 29.51 0.61 5.26
CA GLU A 293 29.11 -0.66 4.68
C GLU A 293 27.64 -0.92 5.01
N LYS A 294 26.86 -1.24 3.99
CA LYS A 294 25.44 -1.47 4.13
C LYS A 294 25.05 -2.77 3.42
N ALA A 295 23.83 -3.23 3.67
CA ALA A 295 23.36 -4.50 3.17
C ALA A 295 21.99 -4.35 2.51
N LYS A 296 21.73 -5.19 1.52
CA LYS A 296 20.44 -5.26 0.85
C LYS A 296 19.76 -6.56 1.26
N GLN A 297 18.54 -6.45 1.78
CA GLN A 297 17.88 -7.61 2.36
C GLN A 297 17.42 -8.59 1.28
N ARG A 298 17.52 -9.88 1.59
CA ARG A 298 17.02 -10.90 0.69
C ARG A 298 15.51 -10.94 0.72
N PRO A 299 14.88 -11.35 -0.39
CA PRO A 299 13.40 -11.39 -0.42
C PRO A 299 12.84 -12.46 0.49
N LEU A 300 11.61 -12.22 0.95
CA LEU A 300 10.91 -13.15 1.82
C LEU A 300 10.39 -14.33 1.00
N ALA A 301 9.56 -15.16 1.62
CA ALA A 301 8.91 -16.24 0.88
C ALA A 301 7.88 -15.64 -0.07
N LEU A 302 7.49 -16.45 -1.05
CA LEU A 302 6.64 -16.00 -2.14
C LEU A 302 5.20 -16.37 -1.86
N ASN A 303 4.32 -15.38 -1.83
CA ASN A 303 2.88 -15.58 -1.74
C ASN A 303 2.22 -15.16 -3.05
N THR A 304 0.92 -15.44 -3.14
CA THR A 304 0.21 -15.24 -4.40
C THR A 304 0.11 -13.76 -4.76
N VAL A 305 0.02 -12.88 -3.77
CA VAL A 305 -0.04 -11.44 -4.06
C VAL A 305 1.26 -11.00 -4.73
N GLU A 306 2.40 -11.43 -4.18
CA GLU A 306 3.68 -11.09 -4.78
C GLU A 306 3.82 -11.71 -6.17
N MET A 307 3.37 -12.95 -6.34
CA MET A 307 3.47 -13.60 -7.64
C MET A 307 2.69 -12.83 -8.69
N LEU A 308 1.45 -12.46 -8.37
CA LEU A 308 0.65 -11.68 -9.32
C LEU A 308 1.28 -10.32 -9.58
N ARG A 309 1.78 -9.66 -8.52
CA ARG A 309 2.33 -8.33 -8.68
C ARG A 309 3.55 -8.32 -9.57
N VAL A 310 4.42 -9.33 -9.44
CA VAL A 310 5.58 -9.41 -10.32
C VAL A 310 5.21 -9.88 -11.72
N ALA A 311 4.24 -10.79 -11.85
CA ALA A 311 3.84 -11.25 -13.17
C ALA A 311 3.15 -10.16 -13.97
N SER A 312 2.45 -9.25 -13.32
CA SER A 312 1.76 -8.16 -14.00
C SER A 312 2.65 -6.96 -14.26
N SER A 313 3.89 -6.98 -13.80
CA SER A 313 4.80 -5.86 -13.95
C SER A 313 6.03 -6.18 -14.79
N SER A 314 6.60 -7.38 -14.63
CA SER A 314 7.80 -7.75 -15.38
C SER A 314 7.53 -8.77 -16.47
N LEU A 315 6.62 -9.72 -16.23
CA LEU A 315 6.35 -10.78 -17.19
C LEU A 315 5.27 -10.43 -18.20
N GLY A 316 4.59 -9.31 -18.03
CA GLY A 316 3.55 -8.91 -18.98
C GLY A 316 2.37 -9.85 -19.01
N MET A 317 1.88 -10.23 -17.84
CA MET A 317 0.77 -11.16 -17.71
C MET A 317 -0.37 -10.50 -16.94
N GLY A 318 -1.59 -10.94 -17.23
CA GLY A 318 -2.73 -10.53 -16.45
C GLY A 318 -2.86 -11.38 -15.20
N PRO A 319 -3.60 -10.88 -14.21
CA PRO A 319 -3.78 -11.68 -12.98
C PRO A 319 -4.48 -13.00 -13.21
N GLN A 320 -5.58 -13.01 -13.95
CA GLN A 320 -6.30 -14.26 -14.20
C GLN A 320 -5.46 -15.22 -15.02
N HIS A 321 -4.77 -14.72 -16.04
CA HIS A 321 -3.90 -15.58 -16.84
C HIS A 321 -2.78 -16.16 -16.00
N ALA A 322 -2.20 -15.35 -15.12
CA ALA A 322 -1.13 -15.83 -14.24
C ALA A 322 -1.63 -16.92 -13.32
N MET A 323 -2.82 -16.74 -12.72
CA MET A 323 -3.32 -17.76 -11.82
C MET A 323 -3.73 -19.02 -12.56
N GLN A 324 -4.25 -18.89 -13.78
CA GLN A 324 -4.58 -20.09 -14.56
C GLN A 324 -3.30 -20.86 -14.91
N THR A 325 -2.25 -20.16 -15.31
CA THR A 325 -0.98 -20.83 -15.60
C THR A 325 -0.41 -21.48 -14.35
N ALA A 326 -0.51 -20.80 -13.20
CA ALA A 326 -0.04 -21.38 -11.95
C ALA A 326 -0.82 -22.63 -11.59
N GLU A 327 -2.13 -22.62 -11.80
CA GLU A 327 -2.94 -23.79 -11.53
C GLU A 327 -2.57 -24.95 -12.45
N ARG A 328 -2.31 -24.66 -13.72
CA ARG A 328 -1.88 -25.71 -14.63
C ARG A 328 -0.55 -26.31 -14.18
N LEU A 329 0.39 -25.46 -13.77
CA LEU A 329 1.67 -25.95 -13.28
C LEU A 329 1.49 -26.79 -12.02
N TYR A 330 0.59 -26.37 -11.14
CA TYR A 330 0.36 -27.12 -9.91
C TYR A 330 -0.25 -28.48 -10.18
N THR A 331 -1.24 -28.53 -11.07
CA THR A 331 -1.89 -29.81 -11.34
C THR A 331 -0.99 -30.73 -12.14
N GLN A 332 -0.03 -30.18 -12.89
CA GLN A 332 0.96 -31.05 -13.52
C GLN A 332 1.99 -31.54 -12.52
N GLY A 333 2.24 -30.78 -11.46
CA GLY A 333 3.11 -31.24 -10.39
C GLY A 333 4.48 -30.60 -10.35
N TYR A 334 4.56 -29.29 -10.63
CA TYR A 334 5.82 -28.58 -10.61
C TYR A 334 5.87 -27.46 -9.59
N ILE A 335 4.75 -27.06 -9.00
CA ILE A 335 4.68 -25.98 -8.03
C ILE A 335 3.74 -26.39 -6.90
N SER A 336 4.12 -26.10 -5.67
CA SER A 336 3.33 -26.46 -4.50
C SER A 336 2.10 -25.56 -4.35
N PRO A 338 -0.75 -22.63 -5.17
CA PRO A 338 -0.54 -21.25 -5.63
C PRO A 338 -1.56 -20.23 -5.13
N ARG A 339 -2.14 -20.44 -3.95
CA ARG A 339 -3.03 -19.47 -3.33
C ARG A 339 -2.78 -19.51 -1.82
N THR A 340 -1.88 -18.65 -1.35
CA THR A 340 -1.46 -18.64 0.04
C THR A 340 -1.28 -17.21 0.51
N GLU A 341 -1.54 -16.98 1.80
CA GLU A 341 -1.15 -15.74 2.45
C GLU A 341 0.13 -15.89 3.26
N THR A 342 0.72 -17.08 3.31
CA THR A 342 1.82 -17.37 4.21
C THR A 342 3.15 -17.04 3.55
N THR A 343 4.00 -16.33 4.28
CA THR A 343 5.34 -15.97 3.82
C THR A 343 6.43 -16.48 4.75
N HIS A 344 6.18 -17.59 5.46
CA HIS A 344 7.13 -18.14 6.42
C HIS A 344 7.23 -19.64 6.20
N TYR A 345 8.44 -20.12 5.94
CA TYR A 345 8.65 -21.54 5.73
C TYR A 345 8.40 -22.30 7.03
N PRO A 346 7.80 -23.48 6.97
CA PRO A 346 7.63 -24.28 8.18
C PRO A 346 8.98 -24.70 8.75
N GLU A 347 9.02 -24.86 10.07
CA GLU A 347 10.29 -25.15 10.74
C GLU A 347 10.86 -26.48 10.28
N ASN A 348 10.02 -27.50 10.12
CA ASN A 348 10.45 -28.81 9.65
C ASN A 348 10.12 -28.91 8.16
N PHE A 349 11.02 -28.38 7.34
CA PHE A 349 10.87 -28.39 5.89
C PHE A 349 12.15 -28.92 5.25
N ASP A 350 11.99 -29.53 4.08
CA ASP A 350 13.13 -30.09 3.34
C ASP A 350 13.69 -29.03 2.38
N LEU A 351 14.29 -28.00 2.97
CA LEU A 351 14.89 -26.95 2.17
C LEU A 351 16.04 -27.46 1.33
N LYS A 352 16.89 -28.31 1.91
CA LYS A 352 18.05 -28.80 1.19
C LYS A 352 17.65 -29.64 -0.02
N GLY A 353 16.64 -30.48 0.13
CA GLY A 353 16.27 -31.36 -0.96
C GLY A 353 15.75 -30.61 -2.17
N SER A 354 14.87 -29.65 -1.95
CA SER A 354 14.29 -28.91 -3.07
C SER A 354 15.34 -28.11 -3.82
N LEU A 355 16.36 -27.62 -3.11
CA LEU A 355 17.44 -26.91 -3.77
C LEU A 355 18.35 -27.86 -4.52
N ARG A 356 18.37 -29.14 -4.15
CA ARG A 356 19.23 -30.10 -4.82
C ARG A 356 18.70 -30.48 -6.19
N GLN A 357 17.38 -30.52 -6.37
CA GLN A 357 16.81 -30.91 -7.65
C GLN A 357 17.17 -29.95 -8.77
N GLN A 358 17.52 -28.71 -8.44
CA GLN A 358 17.85 -27.71 -9.42
C GLN A 358 19.32 -27.72 -9.82
N ALA A 359 20.09 -28.69 -9.31
CA ALA A 359 21.53 -28.69 -9.54
C ALA A 359 21.92 -29.02 -10.97
N ASN A 360 20.98 -29.43 -11.81
CA ASN A 360 21.34 -29.82 -13.18
C ASN A 360 20.57 -29.00 -14.21
N HIS A 361 20.53 -27.68 -14.01
CA HIS A 361 20.01 -26.76 -14.99
C HIS A 361 21.10 -25.76 -15.36
N PRO A 362 21.43 -25.62 -16.65
CA PRO A 362 22.57 -24.76 -17.03
C PRO A 362 22.41 -23.30 -16.65
N TYR A 363 21.19 -22.83 -16.43
CA TYR A 363 21.00 -21.41 -16.14
C TYR A 363 21.63 -21.02 -14.80
N TRP A 364 21.47 -21.85 -13.77
CA TRP A 364 21.94 -21.52 -12.43
C TRP A 364 22.61 -22.72 -11.78
N ALA A 365 23.29 -23.54 -12.57
CA ALA A 365 23.96 -24.71 -12.01
C ALA A 365 25.09 -24.30 -11.07
N ASP A 366 25.89 -23.30 -11.45
CA ASP A 366 27.05 -22.94 -10.64
C ASP A 366 26.65 -22.39 -9.29
N THR A 367 25.65 -21.50 -9.25
CA THR A 367 25.25 -20.89 -7.99
C THR A 367 24.67 -21.91 -7.03
N VAL A 368 23.84 -22.83 -7.53
CA VAL A 368 23.24 -23.84 -6.65
C VAL A 368 24.30 -24.76 -6.09
N LYS A 369 25.25 -25.21 -6.94
CA LYS A 369 26.27 -26.13 -6.48
C LYS A 369 27.15 -25.53 -5.39
N ARG A 370 27.54 -24.26 -5.58
CA ARG A 370 28.35 -23.59 -4.57
C ARG A 370 27.59 -23.44 -3.26
N LEU A 371 26.29 -23.12 -3.34
CA LEU A 371 25.53 -22.79 -2.14
C LEU A 371 25.38 -24.00 -1.23
N LEU A 372 25.34 -25.21 -1.79
CA LEU A 372 25.25 -26.40 -0.97
C LEU A 372 26.58 -26.76 -0.30
N ALA A 373 27.70 -26.29 -0.85
CA ALA A 373 28.99 -26.59 -0.25
C ALA A 373 29.23 -25.79 1.02
N GLU A 374 28.89 -24.51 1.00
CA GLU A 374 29.12 -23.60 2.12
C GLU A 374 27.93 -23.50 3.07
N GLY A 375 26.86 -24.23 2.82
CA GLY A 375 25.71 -24.20 3.70
C GLY A 375 24.66 -23.22 3.23
N ILE A 376 23.43 -23.46 3.63
CA ILE A 376 22.30 -22.62 3.28
C ILE A 376 22.08 -21.59 4.38
N ASN A 377 21.71 -20.38 3.99
CA ASN A 377 21.34 -19.36 4.96
C ASN A 377 19.89 -19.55 5.40
N ARG A 378 19.62 -19.19 6.65
CA ARG A 378 18.28 -19.34 7.18
C ARG A 378 17.30 -18.41 6.46
N PRO A 379 16.12 -18.88 6.12
CA PRO A 379 15.11 -18.00 5.52
C PRO A 379 14.61 -16.96 6.51
N ARG A 380 14.17 -15.83 5.97
CA ARG A 380 13.68 -14.76 6.82
C ARG A 380 12.32 -15.10 7.40
N LYS A 381 12.14 -14.77 8.68
CA LYS A 381 10.87 -15.01 9.35
C LYS A 381 9.85 -13.99 8.90
N GLY A 382 8.68 -14.46 8.48
CA GLY A 382 7.65 -13.57 8.00
C GLY A 382 6.31 -13.76 8.68
N HIS A 383 5.26 -14.00 7.91
CA HIS A 383 3.91 -14.18 8.42
C HIS A 383 3.46 -15.60 8.13
N ASP A 384 2.95 -16.28 9.15
CA ASP A 384 2.46 -17.65 9.04
C ASP A 384 0.98 -17.64 9.35
N ALA A 385 0.16 -17.35 8.35
CA ALA A 385 -1.29 -17.29 8.54
C ALA A 385 -1.95 -18.62 8.20
N GLY A 386 -1.43 -19.70 8.78
CA GLY A 386 -1.98 -21.02 8.53
C GLY A 386 -1.98 -21.35 7.05
N ASP A 387 -3.11 -21.87 6.57
CA ASP A 387 -3.36 -22.14 5.16
C ASP A 387 -2.31 -23.12 4.65
N HIS A 388 -1.52 -22.77 3.66
CA HIS A 388 -0.60 -23.68 3.00
C HIS A 388 0.79 -23.08 2.94
N PRO A 389 1.82 -23.91 2.80
CA PRO A 389 3.19 -23.39 2.74
C PRO A 389 3.39 -22.51 1.53
N PRO A 390 4.41 -21.65 1.55
CA PRO A 390 4.60 -20.71 0.43
C PRO A 390 4.92 -21.43 -0.86
N ILE A 391 4.83 -20.66 -1.95
CA ILE A 391 4.96 -21.19 -3.30
C ILE A 391 6.43 -21.53 -3.55
N THR A 392 6.71 -22.81 -3.74
CA THR A 392 8.06 -23.31 -3.97
C THR A 392 8.04 -24.41 -5.02
N PRO A 393 9.12 -24.60 -5.75
CA PRO A 393 9.17 -25.67 -6.75
C PRO A 393 9.23 -27.04 -6.10
N MET A 394 8.84 -28.06 -6.89
CA MET A 394 8.94 -29.44 -6.45
C MET A 394 9.62 -30.37 -7.44
N LYS A 395 9.85 -29.96 -8.68
CA LYS A 395 10.45 -30.84 -9.66
C LYS A 395 11.29 -30.02 -10.64
N SER A 396 12.28 -30.67 -11.23
CA SER A 396 13.16 -30.02 -12.18
C SER A 396 12.50 -29.96 -13.55
N ALA A 397 12.66 -28.82 -14.21
CA ALA A 397 12.06 -28.62 -15.51
C ALA A 397 13.08 -27.98 -16.45
N THR A 398 12.90 -28.26 -17.74
CA THR A 398 13.71 -27.68 -18.80
C THR A 398 12.78 -26.94 -19.75
N GLU A 399 13.29 -25.89 -20.38
CA GLU A 399 12.46 -25.02 -21.20
C GLU A 399 11.73 -25.79 -22.30
N ALA A 400 12.32 -26.87 -22.80
CA ALA A 400 11.67 -27.64 -23.86
C ALA A 400 10.42 -28.33 -23.36
N GLU A 401 10.33 -28.62 -22.06
CA GLU A 401 9.19 -29.35 -21.54
C GLU A 401 7.98 -28.45 -21.37
N LEU A 402 8.11 -27.39 -20.56
CA LEU A 402 6.99 -26.48 -20.34
C LEU A 402 6.73 -25.63 -21.57
N GLY A 403 7.69 -24.78 -21.92
CA GLY A 403 7.59 -23.99 -23.13
C GLY A 403 6.62 -22.83 -23.05
N GLY A 404 6.98 -21.71 -23.68
CA GLY A 404 6.06 -20.59 -23.74
C GLY A 404 5.89 -19.90 -22.40
N ASP A 405 4.70 -19.35 -22.20
CA ASP A 405 4.42 -18.52 -21.03
C ASP A 405 4.49 -19.30 -19.72
N ALA A 406 4.34 -20.63 -19.78
CA ALA A 406 4.43 -21.41 -18.55
C ALA A 406 5.85 -21.44 -18.00
N TRP A 407 6.85 -21.33 -18.88
CA TRP A 407 8.23 -21.43 -18.41
C TRP A 407 8.69 -20.15 -17.73
N ARG A 408 8.23 -19.00 -18.21
CA ARG A 408 8.68 -17.73 -17.64
C ARG A 408 8.22 -17.59 -16.19
N LEU A 409 7.02 -18.10 -15.88
CA LEU A 409 6.57 -18.09 -14.49
C LEU A 409 7.37 -19.06 -13.64
N TYR A 410 7.75 -20.21 -14.20
CA TYR A 410 8.52 -21.18 -13.45
C TYR A 410 9.90 -20.65 -13.10
N GLU A 411 10.54 -19.92 -14.01
CA GLU A 411 11.85 -19.37 -13.73
C GLU A 411 11.81 -18.39 -12.56
N TYR A 412 10.81 -17.50 -12.54
CA TYR A 412 10.76 -16.51 -11.49
C TYR A 412 10.51 -17.15 -10.12
N ILE A 413 9.63 -18.15 -10.08
CA ILE A 413 9.36 -18.82 -8.81
C ILE A 413 10.61 -19.55 -8.32
N THR A 414 11.28 -20.27 -9.22
CA THR A 414 12.46 -21.03 -8.82
C THR A 414 13.69 -20.15 -8.62
N ARG A 415 13.73 -18.95 -9.19
CA ARG A 415 14.78 -18.01 -8.86
C ARG A 415 14.52 -17.36 -7.51
N HIS A 416 13.26 -17.22 -7.12
CA HIS A 416 12.93 -16.67 -5.82
C HIS A 416 13.33 -17.63 -4.70
N PHE A 417 13.19 -18.93 -4.93
CA PHE A 417 13.53 -19.91 -3.90
C PHE A 417 15.03 -19.95 -3.66
N ILE A 418 15.84 -19.85 -4.71
CA ILE A 418 17.28 -19.83 -4.55
C ILE A 418 17.72 -18.54 -3.88
N ALA A 419 17.08 -17.42 -4.23
CA ALA A 419 17.46 -16.14 -3.66
C ALA A 419 17.15 -16.08 -2.17
N THR A 420 16.03 -16.65 -1.75
CA THR A 420 15.65 -16.58 -0.35
C THR A 420 16.50 -17.46 0.56
N VAL A 421 17.34 -18.31 -0.01
CA VAL A 421 18.27 -19.12 0.78
C VAL A 421 19.72 -18.75 0.47
N SER A 422 19.96 -17.53 0.02
CA SER A 422 21.30 -17.04 -0.26
C SER A 422 21.65 -15.89 0.69
N HIS A 423 22.81 -15.29 0.47
CA HIS A 423 23.31 -14.23 1.33
C HIS A 423 22.81 -12.86 0.85
N ASP A 424 22.87 -11.89 1.76
CA ASP A 424 22.49 -10.53 1.42
C ASP A 424 23.59 -9.84 0.63
N CYS A 425 23.20 -8.92 -0.24
CA CYS A 425 24.17 -8.10 -0.94
C CYS A 425 24.84 -7.12 0.03
N LYS A 426 26.15 -6.97 -0.10
CA LYS A 426 26.92 -6.06 0.73
C LYS A 426 27.58 -5.03 -0.17
N TYR A 427 27.09 -3.81 -0.14
CA TYR A 427 27.56 -2.74 -1.01
C TYR A 427 28.05 -1.56 -0.18
N LEU A 428 29.14 -0.96 -0.62
CA LEU A 428 29.81 0.11 0.11
C LEU A 428 29.35 1.45 -0.44
N GLN A 429 28.90 2.33 0.44
CA GLN A 429 28.38 3.64 0.06
C GLN A 429 29.42 4.70 0.37
N SER A 430 29.73 5.52 -0.64
CA SER A 430 30.75 6.56 -0.52
C SER A 430 30.12 7.91 -0.83
N THR A 431 30.35 8.89 0.05
CA THR A 431 29.85 10.24 -0.15
C THR A 431 30.97 11.24 0.12
N ILE A 432 31.10 12.22 -0.77
CA ILE A 432 32.07 13.29 -0.63
C ILE A 432 31.32 14.61 -0.71
N SER A 433 31.54 15.47 0.28
CA SER A 433 30.86 16.76 0.36
C SER A 433 31.80 17.86 -0.09
N PHE A 434 31.28 18.80 -0.88
CA PHE A 434 32.07 19.90 -1.42
C PHE A 434 31.54 21.23 -0.90
N ARG A 435 32.25 22.29 -1.25
CA ARG A 435 31.82 23.66 -0.90
C ARG A 435 32.35 24.60 -1.98
N ILE A 436 31.49 24.94 -2.93
CA ILE A 436 31.81 25.89 -4.00
C ILE A 436 31.09 27.19 -3.64
N GLY A 437 31.80 28.12 -3.02
CA GLY A 437 31.18 29.30 -2.48
C GLY A 437 30.36 28.97 -1.24
N PRO A 438 29.52 29.88 -0.81
CA PRO A 438 28.71 29.61 0.39
C PRO A 438 27.61 28.59 0.17
N GLU A 439 27.93 27.46 -0.46
CA GLU A 439 26.97 26.40 -0.71
C GLU A 439 27.64 25.05 -0.43
N LEU A 440 26.80 24.05 -0.15
CA LEU A 440 27.26 22.69 0.13
C LEU A 440 26.75 21.76 -0.96
N PHE A 441 27.66 20.99 -1.54
CA PHE A 441 27.34 20.03 -2.57
C PHE A 441 27.75 18.63 -2.10
N THR A 442 27.15 17.61 -2.70
CA THR A 442 27.43 16.24 -2.35
C THR A 442 27.45 15.37 -3.60
N CYS A 443 28.21 14.28 -3.53
CA CYS A 443 28.27 13.30 -4.60
C CYS A 443 28.16 11.91 -4.00
N SER A 444 27.54 11.00 -4.73
CA SER A 444 27.28 9.65 -4.25
C SER A 444 27.99 8.65 -5.16
N GLY A 445 27.90 7.37 -4.78
CA GLY A 445 28.54 6.30 -5.52
C GLY A 445 28.48 4.99 -4.79
N LYS A 446 28.33 3.89 -5.52
CA LYS A 446 28.18 2.58 -4.92
C LYS A 446 29.10 1.57 -5.60
N THR A 447 29.75 0.74 -4.78
CA THR A 447 30.57 -0.36 -5.27
C THR A 447 30.18 -1.62 -4.53
N VAL A 448 30.11 -2.74 -5.24
CA VAL A 448 29.63 -3.99 -4.68
C VAL A 448 30.82 -4.77 -4.12
N LEU A 449 30.56 -5.54 -3.06
CA LEU A 449 31.58 -6.37 -2.43
C LEU A 449 31.30 -7.85 -2.60
N SER A 450 30.14 -8.32 -2.15
CA SER A 450 29.72 -9.70 -2.36
C SER A 450 28.34 -9.66 -3.03
N PRO A 451 28.21 -10.13 -4.27
CA PRO A 451 26.91 -10.02 -4.95
C PRO A 451 25.78 -10.72 -4.22
N GLY A 452 26.06 -11.85 -3.59
CA GLY A 452 25.04 -12.57 -2.84
C GLY A 452 23.91 -13.09 -3.70
N PHE A 453 22.68 -12.67 -3.41
CA PHE A 453 21.51 -13.13 -4.14
C PHE A 453 21.30 -12.34 -5.43
N THR A 454 22.16 -11.38 -5.74
CA THR A 454 22.06 -10.67 -7.01
C THR A 454 22.28 -11.61 -8.19
N GLU A 455 23.10 -12.65 -8.01
CA GLU A 455 23.43 -13.54 -9.12
C GLU A 455 22.19 -14.25 -9.66
N VAL A 456 21.32 -14.72 -8.79
CA VAL A 456 20.13 -15.44 -9.24
C VAL A 456 18.96 -14.51 -9.55
N MET A 457 19.02 -13.25 -9.12
CA MET A 457 18.00 -12.26 -9.45
C MET A 457 18.69 -11.02 -10.01
N PRO A 458 19.09 -11.04 -11.28
CA PRO A 458 19.85 -9.92 -11.84
C PRO A 458 19.16 -8.57 -11.75
N TRP A 459 17.84 -8.51 -11.82
CA TRP A 459 17.19 -7.20 -11.92
C TRP A 459 17.25 -6.41 -10.62
N GLN A 460 17.48 -7.06 -9.49
CA GLN A 460 17.75 -6.37 -8.24
C GLN A 460 19.26 -6.32 -7.97
N SER A 461 19.96 -5.63 -8.86
CA SER A 461 21.40 -5.48 -8.78
C SER A 461 21.77 -4.03 -8.52
N VAL A 462 22.81 -3.82 -7.72
CA VAL A 462 23.35 -2.49 -7.50
C VAL A 462 23.99 -2.02 -8.80
N PRO A 463 23.62 -0.85 -9.31
CA PRO A 463 24.17 -0.41 -10.60
C PRO A 463 25.67 -0.18 -10.50
N LEU A 464 26.37 -0.46 -11.60
CA LEU A 464 27.80 -0.23 -11.66
C LEU A 464 28.09 1.26 -11.81
N GLU A 465 28.99 1.77 -10.96
CA GLU A 465 29.37 3.18 -10.98
C GLU A 465 30.89 3.26 -10.97
N GLU A 466 31.48 4.38 -11.35
CA GLU A 466 32.97 4.40 -11.23
C GLU A 466 33.38 4.28 -9.76
N SER A 467 34.52 4.82 -9.40
CA SER A 467 34.81 4.75 -7.95
C SER A 467 35.21 6.14 -7.45
N LEU A 468 34.28 6.82 -6.80
CA LEU A 468 34.62 8.15 -6.26
C LEU A 468 36.09 8.11 -5.88
N PRO A 469 36.92 9.02 -6.39
CA PRO A 469 38.32 9.15 -6.00
C PRO A 469 38.47 9.23 -4.49
N THR A 470 39.60 8.73 -4.00
CA THR A 470 39.90 8.76 -2.57
C THR A 470 40.54 10.10 -2.24
N CYS A 471 39.78 10.98 -1.59
CA CYS A 471 40.25 12.32 -1.27
C CYS A 471 39.95 12.62 0.18
N GLN A 472 40.93 13.22 0.87
CA GLN A 472 40.81 13.55 2.27
C GLN A 472 40.41 15.01 2.44
N ARG A 473 40.16 15.41 3.69
CA ARG A 473 39.81 16.79 3.98
C ARG A 473 40.96 17.73 3.60
N GLY A 474 40.61 18.89 3.07
CA GLY A 474 41.59 19.89 2.69
C GLY A 474 42.08 19.80 1.27
N ASP A 475 41.74 18.74 0.54
CA ASP A 475 42.12 18.65 -0.86
C ASP A 475 41.38 19.70 -1.68
N ALA A 476 42.04 20.22 -2.70
CA ALA A 476 41.49 21.28 -3.54
C ALA A 476 41.26 20.73 -4.94
N PHE A 477 40.09 21.03 -5.50
CA PHE A 477 39.73 20.62 -6.86
C PHE A 477 39.18 21.82 -7.60
N PRO A 478 39.69 22.15 -8.78
CA PRO A 478 39.10 23.24 -9.56
C PRO A 478 37.70 22.88 -10.05
N VAL A 479 36.88 23.91 -10.22
CA VAL A 479 35.49 23.74 -10.67
C VAL A 479 35.42 24.10 -12.15
N GLY A 480 34.63 23.33 -12.90
CA GLY A 480 34.56 23.51 -14.33
C GLY A 480 33.44 24.42 -14.80
N GLU A 481 32.20 24.12 -14.41
CA GLU A 481 31.06 24.90 -14.87
C GLU A 481 29.88 24.66 -13.93
N VAL A 482 29.14 25.72 -13.63
CA VAL A 482 27.93 25.65 -12.82
C VAL A 482 26.82 26.37 -13.57
N LYS A 483 25.64 25.76 -13.62
CA LYS A 483 24.54 26.35 -14.34
C LYS A 483 23.22 25.79 -13.81
N MET A 484 22.14 26.52 -14.07
CA MET A 484 20.83 26.11 -13.63
C MET A 484 20.21 25.15 -14.65
N LEU A 485 19.12 24.51 -14.23
CA LEU A 485 18.36 23.60 -15.09
C LEU A 485 16.88 23.82 -14.83
N GLU A 486 16.18 24.40 -15.79
CA GLU A 486 14.75 24.65 -15.66
C GLU A 486 13.98 23.35 -15.85
N LYS A 487 13.40 22.83 -14.77
CA LYS A 487 12.64 21.60 -14.80
C LYS A 487 11.20 21.86 -14.35
N GLN A 488 10.30 20.97 -14.77
CA GLN A 488 8.89 21.07 -14.44
C GLN A 488 8.42 19.81 -13.75
N THR A 489 7.47 19.97 -12.83
CA THR A 489 6.93 18.83 -12.09
C THR A 489 6.03 18.00 -13.01
N ASN A 490 6.42 16.76 -13.25
CA ASN A 490 5.64 15.91 -14.15
C ASN A 490 4.37 15.42 -13.46
N PRO A 491 3.31 15.19 -14.23
CA PRO A 491 2.07 14.66 -13.65
C PRO A 491 2.13 13.14 -13.57
N PRO A 492 1.46 12.55 -12.58
CA PRO A 492 1.49 11.08 -12.45
C PRO A 492 0.81 10.38 -13.61
N ASP A 493 0.84 9.06 -13.61
CA ASP A 493 0.21 8.26 -14.65
C ASP A 493 -0.93 7.44 -14.07
N TYR A 494 -1.66 6.77 -14.96
CA TYR A 494 -2.77 5.95 -14.53
C TYR A 494 -2.27 4.77 -13.68
N LEU A 495 -3.18 4.22 -12.88
CA LEU A 495 -2.82 3.14 -11.98
C LEU A 495 -2.41 1.90 -12.77
N THR A 496 -1.34 1.26 -12.32
CA THR A 496 -0.93 -0.02 -12.88
C THR A 496 -1.57 -1.16 -12.08
N GLU A 497 -1.68 -2.33 -12.73
CA GLU A 497 -2.26 -3.47 -12.05
C GLU A 497 -1.43 -3.89 -10.85
N ALA A 498 -0.12 -3.64 -10.89
CA ALA A 498 0.72 -3.94 -9.73
C ALA A 498 0.37 -3.06 -8.54
N GLU A 499 0.12 -1.76 -8.79
CA GLU A 499 -0.19 -0.86 -7.69
C GLU A 499 -1.56 -1.12 -7.11
N LEU A 500 -2.52 -1.53 -7.95
CA LEU A 500 -3.87 -1.76 -7.48
C LEU A 500 -3.94 -2.93 -6.50
N ILE A 501 -3.16 -3.97 -6.73
CA ILE A 501 -3.19 -5.15 -5.86
C ILE A 501 -2.75 -4.77 -4.45
N THR A 502 -1.76 -3.88 -4.32
CA THR A 502 -1.37 -3.40 -3.01
C THR A 502 -2.52 -2.68 -2.32
N LEU A 503 -3.26 -1.87 -3.07
CA LEU A 503 -4.37 -1.12 -2.49
C LEU A 503 -5.51 -2.04 -2.06
N MET A 504 -5.77 -3.10 -2.83
CA MET A 504 -6.79 -4.06 -2.43
C MET A 504 -6.43 -4.74 -1.12
N GLU A 505 -5.18 -5.20 -1.00
CA GLU A 505 -4.77 -5.91 0.20
C GLU A 505 -4.66 -4.98 1.40
N LYS A 506 -4.24 -3.74 1.19
CA LYS A 506 -4.09 -2.80 2.30
C LYS A 506 -5.44 -2.50 2.94
N HIS A 507 -6.48 -2.35 2.13
CA HIS A 507 -7.81 -2.02 2.64
C HIS A 507 -8.67 -3.25 2.91
N GLY A 508 -8.13 -4.46 2.70
CA GLY A 508 -8.87 -5.66 3.00
C GLY A 508 -9.91 -6.05 1.98
N ILE A 509 -9.86 -5.45 0.79
CA ILE A 509 -10.86 -5.73 -0.24
C ILE A 509 -10.42 -6.98 -1.00
N GLY A 510 -11.21 -8.04 -0.89
CA GLY A 510 -10.93 -9.27 -1.59
C GLY A 510 -9.91 -10.15 -0.87
N THR A 511 -9.92 -11.42 -1.24
CA THR A 511 -9.04 -12.44 -0.69
C THR A 511 -7.93 -12.74 -1.72
N ASP A 512 -7.15 -13.78 -1.47
CA ASP A 512 -6.06 -14.17 -2.37
C ASP A 512 -6.55 -14.66 -3.72
N ALA A 513 -7.77 -15.18 -3.80
CA ALA A 513 -8.31 -15.72 -5.04
C ALA A 513 -9.32 -14.80 -5.72
N SER A 514 -9.93 -13.88 -4.99
CA SER A 514 -10.91 -12.99 -5.60
C SER A 514 -10.26 -11.76 -6.22
N ILE A 515 -8.99 -11.48 -5.90
CA ILE A 515 -8.31 -10.35 -6.50
C ILE A 515 -8.21 -10.48 -8.02
N PRO A 516 -7.76 -11.59 -8.59
CA PRO A 516 -7.76 -11.69 -10.07
C PRO A 516 -9.14 -11.58 -10.67
N VAL A 517 -10.16 -12.11 -10.00
CA VAL A 517 -11.51 -12.11 -10.57
C VAL A 517 -12.07 -10.70 -10.59
N HIS A 518 -11.88 -9.93 -9.52
CA HIS A 518 -12.43 -8.58 -9.46
C HIS A 518 -11.80 -7.67 -10.51
N ILE A 519 -10.49 -7.81 -10.73
CA ILE A 519 -9.83 -7.02 -11.77
C ILE A 519 -10.40 -7.37 -13.14
N ASN A 520 -10.66 -8.65 -13.38
CA ASN A 520 -11.17 -9.04 -14.69
C ASN A 520 -12.63 -8.65 -14.87
N ASN A 521 -13.44 -8.70 -13.81
CA ASN A 521 -14.84 -8.35 -13.93
C ASN A 521 -15.02 -6.90 -14.33
N ILE A 522 -14.27 -5.99 -13.71
CA ILE A 522 -14.40 -4.58 -14.06
C ILE A 522 -13.87 -4.30 -15.46
N CYS A 523 -13.02 -5.19 -15.99
CA CYS A 523 -12.63 -5.07 -17.39
C CYS A 523 -13.72 -5.56 -18.33
N GLN A 524 -14.44 -6.61 -17.92
CA GLN A 524 -15.46 -7.19 -18.80
C GLN A 524 -16.67 -6.28 -18.93
N ARG A 525 -17.04 -5.59 -17.85
CA ARG A 525 -18.18 -4.68 -17.86
C ARG A 525 -17.87 -3.37 -18.57
N ASN A 526 -16.70 -3.24 -19.21
CA ASN A 526 -16.29 -2.03 -19.91
C ASN A 526 -16.17 -0.84 -18.96
N TYR A 527 -15.92 -1.10 -17.68
CA TYR A 527 -15.67 -0.01 -16.75
C TYR A 527 -14.26 0.56 -16.94
N VAL A 528 -13.28 -0.29 -17.18
CA VAL A 528 -11.90 0.12 -17.40
C VAL A 528 -11.35 -0.64 -18.61
N THR A 529 -10.31 -0.08 -19.22
CA THR A 529 -9.65 -0.67 -20.36
C THR A 529 -8.15 -0.73 -20.11
N VAL A 530 -7.55 -1.89 -20.36
CA VAL A 530 -6.12 -2.07 -20.17
C VAL A 530 -5.39 -1.49 -21.36
N GLU A 531 -4.26 -0.83 -21.11
CA GLU A 531 -3.53 -0.17 -22.18
C GLU A 531 -2.08 0.01 -21.78
N SER A 532 -1.22 0.14 -22.79
CA SER A 532 0.21 0.43 -22.63
C SER A 532 0.82 -0.65 -21.73
N GLY A 533 1.68 -0.29 -20.80
CA GLY A 533 2.31 -1.26 -19.93
C GLY A 533 1.47 -1.64 -18.73
N ARG A 534 0.32 -2.27 -18.97
CA ARG A 534 -0.58 -2.74 -17.92
C ARG A 534 -1.01 -1.58 -17.02
N ARG A 535 -1.70 -0.60 -17.63
CA ARG A 535 -2.23 0.55 -16.92
C ARG A 535 -3.75 0.58 -17.09
N LEU A 536 -4.46 0.72 -15.98
CA LEU A 536 -5.92 0.73 -16.00
C LEU A 536 -6.42 2.15 -16.22
N LYS A 537 -7.21 2.34 -17.27
CA LYS A 537 -7.74 3.65 -17.64
C LYS A 537 -9.24 3.65 -17.48
N PRO A 538 -9.81 4.53 -16.65
CA PRO A 538 -11.27 4.54 -16.48
C PRO A 538 -11.97 4.89 -17.78
N THR A 539 -13.01 4.13 -18.10
CA THR A 539 -13.82 4.34 -19.28
C THR A 539 -14.90 5.36 -18.95
N ASN A 540 -15.43 6.01 -20.00
CA ASN A 540 -16.37 7.10 -19.80
C ASN A 540 -17.58 6.65 -18.97
N LEU A 541 -17.97 5.38 -19.11
CA LEU A 541 -19.08 4.88 -18.30
C LEU A 541 -18.69 4.74 -16.84
N GLY A 542 -17.44 4.30 -16.58
CA GLY A 542 -17.01 4.11 -15.21
C GLY A 542 -16.88 5.39 -14.42
N ILE A 543 -16.48 6.48 -15.07
CA ILE A 543 -16.29 7.75 -14.37
C ILE A 543 -17.61 8.24 -13.79
N VAL A 544 -18.70 8.13 -14.56
CA VAL A 544 -19.99 8.65 -14.12
C VAL A 544 -20.47 7.91 -12.87
N LEU A 545 -20.31 6.58 -12.86
CA LEU A 545 -20.83 5.78 -11.75
C LEU A 545 -20.19 6.18 -10.43
N VAL A 546 -18.85 6.27 -10.40
CA VAL A 546 -18.18 6.59 -9.14
C VAL A 546 -18.40 8.04 -8.75
N HIS A 547 -18.37 8.96 -9.73
CA HIS A 547 -18.70 10.35 -9.43
C HIS A 547 -20.14 10.48 -8.97
N GLY A 548 -21.04 9.71 -9.60
CA GLY A 548 -22.44 9.76 -9.18
C GLY A 548 -22.64 9.23 -7.76
N TYR A 549 -21.86 8.22 -7.37
CA TYR A 549 -22.01 7.65 -6.04
C TYR A 549 -21.61 8.65 -4.96
N TYR A 550 -20.61 9.48 -5.23
CA TYR A 550 -20.18 10.46 -4.24
C TYR A 550 -21.29 11.45 -3.91
N LYS A 551 -22.02 11.92 -4.94
CA LYS A 551 -23.10 12.87 -4.70
C LYS A 551 -24.22 12.23 -3.91
N ILE A 552 -24.55 10.97 -4.19
CA ILE A 552 -25.69 10.33 -3.57
C ILE A 552 -25.36 9.89 -2.14
N ASP A 553 -24.38 9.00 -2.00
CA ASP A 553 -23.98 8.53 -0.67
C ASP A 553 -22.56 8.01 -0.82
N ALA A 554 -21.61 8.67 -0.15
CA ALA A 554 -20.20 8.38 -0.37
C ALA A 554 -19.80 7.00 0.10
N GLU A 555 -20.39 6.51 1.19
CA GLU A 555 -19.90 5.27 1.80
C GLU A 555 -20.39 4.02 1.09
N LEU A 556 -20.88 4.14 -0.14
CA LEU A 556 -21.09 2.99 -1.00
C LEU A 556 -19.89 2.71 -1.90
N VAL A 557 -18.91 3.61 -1.94
CA VAL A 557 -17.75 3.47 -2.81
C VAL A 557 -16.48 3.66 -1.98
N LEU A 558 -16.64 4.15 -0.75
CA LEU A 558 -15.49 4.38 0.10
C LEU A 558 -14.86 3.05 0.50
N PRO A 559 -13.53 2.91 0.42
CA PRO A 559 -12.90 1.63 0.76
C PRO A 559 -13.10 1.19 2.20
N THR A 560 -13.20 2.14 3.14
CA THR A 560 -13.16 1.79 4.55
C THR A 560 -14.42 1.06 5.03
N ILE A 561 -15.49 1.06 4.22
CA ILE A 561 -16.73 0.41 4.64
C ILE A 561 -16.56 -1.11 4.66
N ARG A 562 -15.77 -1.65 3.74
CA ARG A 562 -15.59 -3.10 3.70
C ARG A 562 -14.88 -3.61 4.95
N SER A 563 -13.89 -2.89 5.44
CA SER A 563 -13.22 -3.31 6.67
C SER A 563 -14.14 -3.15 7.88
N ALA A 564 -15.06 -2.20 7.84
CA ALA A 564 -15.95 -1.99 8.97
C ALA A 564 -16.94 -3.14 9.12
N VAL A 565 -17.56 -3.57 8.03
CA VAL A 565 -18.53 -4.66 8.11
C VAL A 565 -17.84 -5.96 8.49
N GLU A 566 -16.61 -6.18 8.02
CA GLU A 566 -15.88 -7.38 8.41
C GLU A 566 -15.60 -7.41 9.90
N LYS A 567 -15.34 -6.24 10.50
CA LYS A 567 -15.11 -6.18 11.94
C LYS A 567 -16.36 -6.60 12.71
N GLN A 568 -17.53 -6.12 12.29
CA GLN A 568 -18.76 -6.49 12.97
C GLN A 568 -19.04 -7.98 12.82
N LEU A 569 -18.81 -8.52 11.62
CA LEU A 569 -19.01 -9.95 11.41
C LEU A 569 -18.01 -10.79 12.21
N ASN A 570 -16.81 -10.25 12.45
CA ASN A 570 -15.83 -10.96 13.24
C ASN A 570 -16.27 -11.11 14.69
N LEU A 571 -17.08 -10.17 15.19
CA LEU A 571 -17.58 -10.27 16.56
C LEU A 571 -18.43 -11.52 16.74
N ILE A 572 -19.17 -11.91 15.70
CA ILE A 572 -19.92 -13.16 15.75
C ILE A 572 -18.97 -14.34 15.90
N ALA A 573 -17.85 -14.31 15.17
CA ALA A 573 -16.92 -15.43 15.20
C ALA A 573 -16.35 -15.65 16.59
N GLN A 574 -16.07 -14.57 17.32
CA GLN A 574 -15.56 -14.69 18.68
C GLN A 574 -16.65 -15.11 19.67
N GLY A 575 -17.91 -15.12 19.25
CA GLY A 575 -19.01 -15.53 20.11
C GLY A 575 -19.56 -14.46 21.01
N LYS A 576 -19.07 -13.23 20.92
CA LYS A 576 -19.50 -12.16 21.80
C LYS A 576 -20.72 -11.43 21.31
N ALA A 577 -21.30 -11.84 20.18
CA ALA A 577 -22.53 -11.25 19.69
C ALA A 577 -23.50 -12.35 19.25
N ASP A 578 -24.61 -11.97 18.63
CA ASP A 578 -25.60 -12.92 18.16
C ASP A 578 -25.67 -12.87 16.64
N TYR A 579 -26.03 -14.02 16.05
CA TYR A 579 -26.04 -14.14 14.59
C TYR A 579 -27.11 -13.25 13.97
N ARG A 580 -28.34 -13.34 14.46
CA ARG A 580 -29.43 -12.64 13.80
C ARG A 580 -29.40 -11.15 14.11
N GLN A 581 -28.98 -10.77 15.33
CA GLN A 581 -28.95 -9.37 15.69
C GLN A 581 -27.98 -8.58 14.81
N VAL A 582 -26.79 -9.14 14.57
CA VAL A 582 -25.81 -8.47 13.73
C VAL A 582 -26.25 -8.48 12.27
N LEU A 583 -26.73 -9.62 11.79
CA LEU A 583 -27.19 -9.70 10.41
C LEU A 583 -28.41 -8.82 10.18
N GLY A 584 -29.36 -8.83 11.11
CA GLY A 584 -30.54 -8.01 10.95
C GLY A 584 -30.24 -6.52 10.99
N HIS A 585 -29.35 -6.11 11.89
CA HIS A 585 -28.99 -4.71 12.00
C HIS A 585 -28.28 -4.22 10.74
N THR A 586 -27.36 -5.01 10.21
CA THR A 586 -26.62 -4.59 9.02
C THR A 586 -27.52 -4.57 7.78
N LEU A 587 -28.51 -5.45 7.72
CA LEU A 587 -29.48 -5.37 6.63
C LEU A 587 -30.30 -4.10 6.70
N ASP A 588 -30.69 -3.69 7.92
CA ASP A 588 -31.53 -2.52 8.07
C ASP A 588 -30.81 -1.25 7.63
N VAL A 589 -29.54 -1.11 7.98
CA VAL A 589 -28.81 0.11 7.63
C VAL A 589 -28.65 0.21 6.12
N PHE A 590 -28.47 -0.92 5.45
CA PHE A 590 -28.34 -0.91 4.00
C PHE A 590 -29.69 -0.87 3.28
N LYS A 591 -30.76 -1.32 3.93
CA LYS A 591 -32.08 -1.28 3.30
C LYS A 591 -32.53 0.16 3.05
N ARG A 592 -32.32 1.04 4.03
CA ARG A 592 -32.68 2.44 3.84
C ARG A 592 -31.76 3.12 2.83
N LYS A 593 -30.57 2.57 2.58
CA LYS A 593 -29.69 3.11 1.55
C LYS A 593 -30.30 2.93 0.17
N PHE A 594 -30.92 1.78 -0.08
CA PHE A 594 -31.54 1.53 -1.39
C PHE A 594 -32.70 2.48 -1.64
N HIS A 595 -33.52 2.73 -0.62
CA HIS A 595 -34.62 3.67 -0.79
C HIS A 595 -34.12 5.08 -1.06
N TYR A 596 -33.06 5.50 -0.37
CA TYR A 596 -32.49 6.82 -0.64
C TYR A 596 -31.83 6.86 -2.01
N PHE A 597 -31.36 5.71 -2.50
CA PHE A 597 -30.75 5.66 -3.82
C PHE A 597 -31.80 5.74 -4.92
N VAL A 598 -32.93 5.03 -4.74
CA VAL A 598 -33.91 4.93 -5.81
C VAL A 598 -34.67 6.24 -5.99
N ASP A 599 -35.02 6.91 -4.90
CA ASP A 599 -35.78 8.15 -4.99
C ASP A 599 -34.92 9.35 -5.37
N SER A 600 -33.59 9.20 -5.32
CA SER A 600 -32.66 10.26 -5.69
C SER A 600 -31.73 9.82 -6.81
N ILE A 601 -32.17 8.84 -7.62
CA ILE A 601 -31.35 8.35 -8.72
C ILE A 601 -31.10 9.39 -9.79
N ALA A 602 -31.84 10.50 -9.77
CA ALA A 602 -31.69 11.53 -10.79
C ALA A 602 -30.32 12.21 -10.74
N GLY A 603 -29.57 12.01 -9.66
CA GLY A 603 -28.24 12.61 -9.58
C GLY A 603 -27.31 12.13 -10.68
N MET A 604 -27.32 10.83 -10.95
CA MET A 604 -26.46 10.30 -11.99
C MET A 604 -26.98 10.58 -13.39
N ASP A 605 -28.28 10.89 -13.52
CA ASP A 605 -28.82 11.19 -14.85
C ASP A 605 -28.21 12.45 -15.44
N GLU A 606 -27.91 13.44 -14.60
CA GLU A 606 -27.28 14.66 -15.09
C GLU A 606 -25.90 14.36 -15.67
N LEU A 607 -25.12 13.52 -15.00
CA LEU A 607 -23.78 13.19 -15.48
C LEU A 607 -23.81 12.21 -16.64
N MET A 608 -24.76 11.27 -16.64
CA MET A 608 -24.83 10.31 -17.73
C MET A 608 -25.27 10.95 -19.04
N GLU A 609 -26.08 12.00 -18.97
CA GLU A 609 -26.67 12.57 -20.17
C GLU A 609 -25.60 13.13 -21.10
N VAL A 610 -24.57 13.75 -20.56
CA VAL A 610 -23.53 14.35 -21.41
C VAL A 610 -22.71 13.28 -22.10
N SER A 611 -22.53 12.12 -21.46
CA SER A 611 -21.61 11.12 -21.95
C SER A 611 -22.28 9.87 -22.51
N PHE A 612 -23.55 9.63 -22.19
CA PHE A 612 -24.27 8.45 -22.67
C PHE A 612 -23.55 7.15 -22.29
N MET B 1 6.88 64.21 29.79
CA MET B 1 8.16 64.07 29.11
C MET B 1 8.31 62.67 28.53
N ALA B 2 8.91 62.59 27.35
CA ALA B 2 9.13 61.31 26.68
C ALA B 2 10.52 61.20 26.06
N GLN B 3 11.46 62.07 26.47
CA GLN B 3 12.81 61.98 25.94
C GLN B 3 13.47 60.66 26.32
N VAL B 4 13.31 60.25 27.59
CA VAL B 4 13.88 58.98 28.02
C VAL B 4 13.24 57.82 27.28
N ALA B 5 11.94 57.88 27.05
CA ALA B 5 11.27 56.82 26.29
C ALA B 5 11.78 56.77 24.86
N GLY B 6 11.98 57.92 24.22
CA GLY B 6 12.50 57.94 22.87
C GLY B 6 13.89 57.36 22.79
N ALA B 7 14.75 57.75 23.73
CA ALA B 7 16.10 57.20 23.76
C ALA B 7 16.08 55.70 23.98
N ALA B 8 15.21 55.23 24.89
CA ALA B 8 15.13 53.81 25.18
C ALA B 8 14.65 53.02 23.97
N LEU B 9 13.64 53.51 23.27
CA LEU B 9 13.15 52.80 22.10
C LEU B 9 14.18 52.79 20.98
N SER B 10 14.88 53.91 20.79
CA SER B 10 15.93 53.94 19.79
C SER B 10 17.03 52.96 20.11
N GLN B 11 17.45 52.88 21.38
CA GLN B 11 18.49 51.93 21.76
C GLN B 11 18.01 50.49 21.62
N ALA B 12 16.76 50.22 21.99
CA ALA B 12 16.25 48.85 21.96
C ALA B 12 15.97 48.35 20.56
N GLY B 13 15.67 49.24 19.62
CA GLY B 13 15.39 48.85 18.26
C GLY B 13 13.97 49.02 17.80
N TRP B 14 13.05 49.36 18.70
CA TRP B 14 11.69 49.71 18.30
C TRP B 14 11.67 51.13 17.79
N TYR B 15 10.95 51.36 16.70
CA TYR B 15 10.99 52.61 15.97
C TYR B 15 9.59 53.20 15.81
N LEU B 16 8.87 53.32 16.93
CA LEU B 16 7.50 53.83 16.91
C LEU B 16 7.45 55.22 16.30
N SER B 17 6.35 55.51 15.59
CA SER B 17 6.24 56.70 14.76
C SER B 17 6.29 58.00 15.55
N ASP B 18 5.31 58.25 16.41
CA ASP B 18 5.14 59.57 16.98
C ASP B 18 4.60 59.44 18.40
N GLU B 19 4.10 60.56 18.93
CA GLU B 19 3.47 60.59 20.24
C GLU B 19 2.02 60.14 20.20
N GLY B 20 1.53 59.71 19.04
CA GLY B 20 0.20 59.13 19.00
C GLY B 20 0.09 57.87 19.85
N ILE B 21 1.10 57.00 19.74
CA ILE B 21 1.15 55.83 20.60
C ILE B 21 1.36 56.23 22.05
N GLU B 22 2.06 57.33 22.29
CA GLU B 22 2.23 57.82 23.66
C GLU B 22 0.90 58.24 24.25
N ALA B 23 0.07 58.95 23.47
CA ALA B 23 -1.24 59.38 23.94
C ALA B 23 -2.24 58.22 23.98
N CYS B 24 -1.95 57.14 23.24
CA CYS B 24 -2.84 55.98 23.26
C CYS B 24 -2.91 55.37 24.66
N THR B 25 -1.78 55.28 25.34
CA THR B 25 -1.70 54.75 26.69
C THR B 25 -1.25 55.88 27.61
N SER B 26 -2.21 56.66 28.09
CA SER B 26 -1.95 57.82 28.95
C SER B 26 -2.40 57.54 30.38
N SER B 27 -2.32 56.28 30.80
CA SER B 27 -2.69 55.92 32.15
C SER B 27 -1.71 56.51 33.15
N PRO B 28 -2.15 56.81 34.37
CA PRO B 28 -1.24 57.36 35.38
C PRO B 28 -0.10 56.41 35.67
N ASP B 29 1.11 56.98 35.81
CA ASP B 29 2.32 56.21 36.13
C ASP B 29 2.53 55.07 35.14
N LYS B 30 2.25 55.34 33.86
CA LYS B 30 2.37 54.35 32.80
C LYS B 30 3.21 54.90 31.66
N VAL B 31 4.32 55.54 32.02
CA VAL B 31 5.26 56.08 31.04
C VAL B 31 6.50 55.20 30.90
N ASN B 32 6.39 53.93 31.26
CA ASN B 32 7.54 53.02 31.25
C ASN B 32 7.71 52.39 29.88
N VAL B 33 8.95 52.39 29.38
CA VAL B 33 9.24 51.78 28.10
C VAL B 33 9.08 50.27 28.18
N ASN B 34 9.56 49.66 29.27
CA ASN B 34 9.61 48.21 29.36
C ASN B 34 8.23 47.58 29.19
N ASP B 35 7.18 48.31 29.54
CA ASP B 35 5.82 47.85 29.27
C ASP B 35 5.11 48.66 28.19
N ILE B 36 5.77 49.68 27.63
CA ILE B 36 5.21 50.31 26.44
C ILE B 36 5.51 49.51 25.17
N ILE B 37 6.61 48.75 25.15
CA ILE B 37 6.77 47.77 24.07
C ILE B 37 5.68 46.71 24.13
N LEU B 38 5.15 46.43 25.33
CA LEU B 38 4.20 45.33 25.46
C LEU B 38 2.96 45.54 24.60
N ILE B 39 2.40 46.76 24.61
CA ILE B 39 1.20 47.00 23.83
C ILE B 39 1.53 47.07 22.33
N ALA B 40 2.67 47.67 21.99
CA ALA B 40 3.03 47.79 20.58
C ALA B 40 3.31 46.43 19.96
N LEU B 41 3.70 45.45 20.76
CA LEU B 41 3.98 44.13 20.23
C LEU B 41 2.75 43.53 19.57
N ASN B 42 1.58 43.67 20.19
CA ASN B 42 0.34 43.22 19.58
C ASN B 42 -0.26 44.24 18.62
N THR B 43 0.06 45.52 18.78
CA THR B 43 -0.46 46.55 17.90
C THR B 43 0.15 46.42 16.52
N ASP B 44 -0.62 46.80 15.51
CA ASP B 44 -0.20 46.62 14.12
C ASP B 44 0.92 47.59 13.77
N LEU B 45 2.09 47.04 13.44
CA LEU B 45 3.18 47.86 12.95
C LEU B 45 2.86 48.50 11.61
N ARG B 46 1.90 47.94 10.86
CA ARG B 46 1.42 48.62 9.67
C ARG B 46 0.76 49.95 10.02
N THR B 47 -0.02 49.95 11.10
CA THR B 47 -0.67 51.19 11.52
C THR B 47 0.31 52.14 12.19
N ILE B 48 1.17 51.62 13.06
CA ILE B 48 2.02 52.45 13.91
C ILE B 48 3.49 52.16 13.59
N GLY B 49 4.28 53.23 13.48
CA GLY B 49 5.70 53.06 13.18
C GLY B 49 6.23 54.08 12.18
N LYS B 50 7.54 54.37 12.25
CA LYS B 50 8.15 55.38 11.40
C LYS B 50 8.90 54.74 10.23
N LYS B 51 9.37 55.59 9.32
CA LYS B 51 10.03 55.15 8.10
C LYS B 51 11.51 55.47 8.17
N PHE B 52 12.33 54.49 8.58
CA PHE B 52 13.78 54.66 8.57
C PHE B 52 14.54 53.61 7.76
N LEU B 53 13.88 52.60 7.22
CA LEU B 53 14.55 51.72 6.27
C LEU B 53 14.84 52.46 4.97
N PRO B 54 15.85 52.03 4.20
CA PRO B 54 16.17 52.74 2.96
C PRO B 54 15.05 52.63 1.93
N SER B 55 15.15 53.37 0.84
CA SER B 55 14.09 53.41 -0.15
C SER B 55 14.18 52.29 -1.18
N ASP B 56 15.34 51.64 -1.31
CA ASP B 56 15.62 50.79 -2.45
C ASP B 56 16.27 49.48 -2.01
N ILE B 57 15.69 48.81 -1.02
CA ILE B 57 16.19 47.50 -0.62
C ILE B 57 16.12 46.53 -1.79
N ASN B 58 15.01 46.54 -2.52
CA ASN B 58 14.81 45.59 -3.60
C ASN B 58 15.53 45.96 -4.89
N SER B 59 16.06 47.18 -5.00
CA SER B 59 16.74 47.57 -6.22
C SER B 59 18.05 46.83 -6.44
N GLY B 60 18.65 46.30 -5.38
CA GLY B 60 19.93 45.63 -5.48
C GLY B 60 21.13 46.53 -5.27
N LYS B 61 20.93 47.85 -5.15
CA LYS B 61 22.04 48.75 -4.94
C LYS B 61 22.70 48.54 -3.59
N VAL B 62 21.89 48.34 -2.55
CA VAL B 62 22.42 48.23 -1.18
C VAL B 62 23.08 46.87 -1.01
N GLU B 63 24.03 46.81 -0.06
CA GLU B 63 24.78 45.59 0.21
C GLU B 63 24.61 45.08 1.63
N LYS B 64 24.79 45.95 2.62
CA LYS B 64 24.77 45.54 4.02
C LYS B 64 23.81 46.42 4.81
N LEU B 65 23.14 45.84 5.80
CA LEU B 65 22.21 46.55 6.65
C LEU B 65 22.70 46.50 8.09
N GLU B 66 22.71 47.65 8.76
CA GLU B 66 23.27 47.79 10.09
C GLU B 66 22.20 48.18 11.08
N GLY B 67 22.50 47.95 12.36
CA GLY B 67 21.63 48.34 13.44
C GLY B 67 20.57 47.31 13.74
N PRO B 68 20.18 47.21 15.02
CA PRO B 68 19.08 46.31 15.38
C PRO B 68 17.73 46.98 15.15
N CYS B 69 16.86 46.31 14.39
CA CYS B 69 15.57 46.88 14.04
C CYS B 69 14.49 45.82 14.17
N VAL B 70 13.28 46.25 14.52
CA VAL B 70 12.15 45.35 14.67
C VAL B 70 11.26 45.48 13.43
N LEU B 71 10.82 44.35 12.90
CA LEU B 71 10.04 44.32 11.68
C LEU B 71 8.93 43.28 11.82
N GLN B 72 7.91 43.41 10.97
CA GLN B 72 6.72 42.58 11.07
C GLN B 72 6.65 41.61 9.90
N ILE B 73 6.31 40.36 10.21
CA ILE B 73 6.17 39.30 9.21
C ILE B 73 4.77 39.37 8.63
N GLN B 74 4.66 39.16 7.32
CA GLN B 74 3.37 39.19 6.63
C GLN B 74 2.98 37.85 6.04
N LYS B 75 3.82 37.24 5.22
CA LYS B 75 3.48 35.96 4.58
C LYS B 75 4.64 34.99 4.72
N ILE B 76 4.29 33.71 4.82
CA ILE B 76 5.25 32.63 4.97
C ILE B 76 5.02 31.64 3.83
N ARG B 77 6.10 31.26 3.15
CA ARG B 77 6.00 30.28 2.08
C ARG B 77 7.23 29.40 2.08
N ASN B 78 7.02 28.11 1.86
CA ASN B 78 8.11 27.13 1.79
C ASN B 78 8.51 26.99 0.33
N VAL B 79 9.60 27.69 -0.05
CA VAL B 79 10.03 27.70 -1.44
C VAL B 79 10.66 26.39 -1.89
N ALA B 80 10.86 25.45 -0.98
CA ALA B 80 11.45 24.16 -1.32
C ALA B 80 10.41 23.08 -1.57
N ALA B 81 9.12 23.41 -1.54
CA ALA B 81 8.06 22.44 -1.73
C ALA B 81 7.01 23.02 -2.66
N PRO B 82 6.30 22.18 -3.40
CA PRO B 82 5.25 22.68 -4.29
C PRO B 82 4.06 23.21 -3.50
N LYS B 83 3.25 24.03 -4.18
CA LYS B 83 2.09 24.64 -3.54
C LYS B 83 1.02 23.61 -3.18
N ASP B 84 0.91 22.52 -3.94
CA ASP B 84 -0.16 21.55 -3.69
C ASP B 84 0.01 20.88 -2.33
N ASN B 85 1.24 20.53 -1.96
CA ASN B 85 1.52 20.01 -0.63
C ASN B 85 2.58 20.86 0.04
N GLU B 86 2.17 21.66 1.02
CA GLU B 86 3.11 22.55 1.69
C GLU B 86 4.19 21.77 2.41
N GLU B 87 3.82 20.68 3.07
CA GLU B 87 4.79 19.81 3.74
C GLU B 87 5.40 18.85 2.73
N SER B 88 6.71 18.65 2.84
CA SER B 88 7.43 17.73 1.98
C SER B 88 8.77 17.42 2.60
N GLN B 89 9.07 16.13 2.76
CA GLN B 89 10.35 15.70 3.30
C GLN B 89 11.41 15.51 2.22
N ALA B 90 11.06 15.70 0.94
CA ALA B 90 12.01 15.50 -0.13
C ALA B 90 13.04 16.61 -0.20
N ALA B 91 12.76 17.77 0.39
CA ALA B 91 13.68 18.89 0.37
C ALA B 91 13.82 19.46 1.78
N PRO B 92 15.00 19.97 2.13
CA PRO B 92 15.14 20.67 3.40
C PRO B 92 14.30 21.94 3.41
N ARG B 93 13.78 22.27 4.59
CA ARG B 93 12.92 23.44 4.72
C ARG B 93 13.68 24.71 4.39
N MET B 94 12.99 25.64 3.72
CA MET B 94 13.59 26.91 3.33
C MET B 94 12.47 27.93 3.24
N LEU B 95 12.59 29.02 3.99
CA LEU B 95 11.51 29.98 4.12
C LEU B 95 11.87 31.32 3.47
N ARG B 96 10.88 31.91 2.82
CA ARG B 96 10.98 33.24 2.22
C ARG B 96 10.09 34.17 3.04
N LEU B 97 10.68 34.82 4.03
CA LEU B 97 9.94 35.75 4.87
C LEU B 97 9.60 37.01 4.09
N GLN B 98 8.39 37.51 4.26
CA GLN B 98 8.03 38.85 3.81
C GLN B 98 7.95 39.74 5.05
N MET B 99 8.72 40.82 5.04
CA MET B 99 8.90 41.65 6.22
C MET B 99 8.52 43.09 5.88
N THR B 100 8.09 43.83 6.89
CA THR B 100 7.67 45.21 6.67
C THR B 100 8.03 46.05 7.88
N ASP B 101 8.17 47.36 7.63
CA ASP B 101 8.32 48.34 8.68
C ASP B 101 7.08 49.18 8.90
N GLY B 102 6.03 48.98 8.10
CA GLY B 102 4.85 49.80 8.17
C GLY B 102 4.53 50.45 6.84
N HIS B 103 5.57 50.71 6.04
CA HIS B 103 5.37 51.37 4.75
C HIS B 103 6.08 50.64 3.61
N ILE B 104 7.25 50.07 3.89
CA ILE B 104 8.10 49.48 2.87
C ILE B 104 8.18 47.98 3.10
N SER B 105 8.05 47.21 2.03
CA SER B 105 8.10 45.75 2.08
C SER B 105 9.47 45.25 1.64
N CYS B 106 9.91 44.15 2.25
CA CYS B 106 11.20 43.55 1.98
C CYS B 106 11.05 42.04 2.02
N THR B 107 12.01 41.35 1.40
CA THR B 107 12.01 39.90 1.33
C THR B 107 13.29 39.35 1.94
N ALA B 108 13.16 38.37 2.81
CA ALA B 108 14.29 37.75 3.50
C ALA B 108 14.28 36.25 3.24
N VAL B 109 15.46 35.65 3.27
CA VAL B 109 15.62 34.25 2.92
C VAL B 109 16.33 33.53 4.06
N GLU B 110 15.82 32.36 4.42
CA GLU B 110 16.44 31.56 5.46
C GLU B 110 17.46 30.59 4.87
N PHE B 111 18.69 30.64 5.39
CA PHE B 111 19.71 29.66 5.03
C PHE B 111 19.77 28.50 6.00
N SER B 112 20.09 28.77 7.26
CA SER B 112 20.27 27.73 8.25
C SER B 112 18.94 27.38 8.90
N TYR B 113 18.83 26.14 9.37
CA TYR B 113 17.60 25.71 10.02
C TYR B 113 17.32 26.57 11.24
N MET B 114 16.08 27.01 11.36
CA MET B 114 15.63 27.85 12.46
C MET B 114 14.53 27.12 13.21
N SER B 115 14.66 27.06 14.54
CA SER B 115 13.63 26.45 15.37
C SER B 115 12.59 27.44 15.86
N LYS B 116 12.90 28.73 15.85
CA LYS B 116 11.95 29.73 16.31
C LYS B 116 10.85 30.02 15.30
N ILE B 117 11.17 29.96 14.01
CA ILE B 117 10.25 30.33 12.94
C ILE B 117 9.87 29.07 12.15
N SER B 118 8.59 28.91 11.89
CA SER B 118 8.09 27.80 11.08
C SER B 118 6.94 28.30 10.23
N LEU B 119 6.28 27.37 9.52
CA LEU B 119 5.13 27.74 8.72
C LEU B 119 3.98 28.24 9.59
N ASN B 120 3.79 27.62 10.75
CA ASN B 120 2.67 27.92 11.62
C ASN B 120 2.86 29.18 12.46
N THR B 121 3.86 30.01 12.15
CA THR B 121 4.01 31.26 12.88
C THR B 121 2.85 32.19 12.54
N PRO B 122 2.35 32.94 13.52
CA PRO B 122 1.24 33.85 13.25
C PRO B 122 1.60 34.86 12.19
N PRO B 123 0.69 35.15 11.27
CA PRO B 123 1.00 36.06 10.16
C PRO B 123 1.30 37.49 10.56
N GLY B 124 1.40 37.79 11.86
CA GLY B 124 1.63 39.16 12.26
C GLY B 124 2.71 39.38 13.30
N THR B 125 3.47 38.33 13.65
CA THR B 125 4.45 38.45 14.70
C THR B 125 5.57 39.42 14.32
N LYS B 126 6.41 39.73 15.29
CA LYS B 126 7.53 40.65 15.10
C LYS B 126 8.84 39.92 15.32
N VAL B 127 9.83 40.27 14.49
CA VAL B 127 11.19 39.73 14.63
C VAL B 127 12.16 40.90 14.68
N LYS B 128 13.15 40.78 15.56
CA LYS B 128 14.16 41.81 15.77
C LYS B 128 15.48 41.32 15.20
N LEU B 129 16.14 42.17 14.43
CA LEU B 129 17.38 41.86 13.76
C LEU B 129 18.51 42.62 14.43
N SER B 130 19.59 41.92 14.75
CA SER B 130 20.73 42.50 15.42
C SER B 130 21.99 42.28 14.59
N GLY B 131 22.94 43.19 14.75
CA GLY B 131 24.19 43.11 14.02
C GLY B 131 24.03 43.50 12.57
N ILE B 132 25.08 43.23 11.81
CA ILE B 132 25.12 43.54 10.38
C ILE B 132 24.61 42.35 9.62
N VAL B 133 23.63 42.57 8.74
CA VAL B 133 23.03 41.51 7.95
C VAL B 133 23.31 41.78 6.48
N ASP B 134 23.41 40.71 5.70
CA ASP B 134 23.82 40.79 4.31
C ASP B 134 22.61 40.86 3.39
N ILE B 135 22.75 41.64 2.32
CA ILE B 135 21.75 41.76 1.27
C ILE B 135 22.38 41.27 -0.02
N LYS B 136 21.78 40.27 -0.65
CA LYS B 136 22.25 39.77 -1.93
C LYS B 136 21.09 39.81 -2.92
N ASN B 137 21.32 40.50 -4.05
CA ASN B 137 20.31 40.67 -5.08
C ASN B 137 19.02 41.23 -4.50
N GLY B 138 19.16 42.18 -3.57
CA GLY B 138 18.00 42.81 -2.98
C GLY B 138 17.26 41.98 -1.97
N PHE B 139 17.80 40.83 -1.57
CA PHE B 139 17.15 39.94 -0.63
C PHE B 139 17.97 39.87 0.65
N LEU B 140 17.28 39.94 1.80
CA LEU B 140 17.94 39.77 3.07
C LEU B 140 18.38 38.32 3.25
N LEU B 141 19.51 38.13 3.94
CA LEU B 141 20.03 36.79 4.23
C LEU B 141 20.00 36.59 5.75
N LEU B 142 18.99 35.89 6.25
CA LEU B 142 18.85 35.72 7.69
C LEU B 142 19.42 34.37 8.13
N ASN B 143 20.14 34.39 9.26
CA ASN B 143 20.71 33.21 9.86
C ASN B 143 20.29 33.14 11.32
N ASP B 144 20.72 32.09 12.01
CA ASP B 144 20.30 31.88 13.40
C ASP B 144 20.96 32.88 14.34
N SER B 145 22.09 33.48 13.93
CA SER B 145 22.84 34.34 14.83
C SER B 145 22.30 35.75 14.92
N ASN B 146 21.38 36.14 14.03
CA ASN B 146 20.90 37.53 13.98
C ASN B 146 19.39 37.58 13.83
N THR B 147 18.67 36.75 14.58
CA THR B 147 17.21 36.78 14.61
C THR B 147 16.73 36.59 16.03
N THR B 148 15.77 37.39 16.46
CA THR B 148 15.10 37.19 17.75
C THR B 148 13.60 37.38 17.56
N VAL B 149 12.84 36.31 17.67
CA VAL B 149 11.39 36.39 17.60
C VAL B 149 10.86 37.05 18.87
N LEU B 150 9.82 37.86 18.75
CA LEU B 150 9.25 38.53 19.91
C LEU B 150 7.78 38.19 20.13
N GLY B 151 7.17 37.41 19.26
CA GLY B 151 5.77 37.03 19.45
C GLY B 151 4.81 38.17 19.15
N GLY B 152 3.62 38.05 19.73
CA GLY B 152 2.58 39.05 19.55
C GLY B 152 1.54 38.66 18.52
N GLU B 153 0.29 39.05 18.74
CA GLU B 153 -0.80 38.77 17.82
C GLU B 153 -1.48 40.07 17.43
N VAL B 154 -1.84 40.18 16.15
CA VAL B 154 -2.41 41.41 15.61
C VAL B 154 -3.79 41.07 15.07
N GLU B 155 -4.48 40.16 15.77
CA GLU B 155 -5.86 39.76 15.48
C GLU B 155 -6.09 39.44 14.01
N HIS B 156 -5.08 38.89 13.35
CA HIS B 156 -5.27 38.31 12.02
C HIS B 156 -5.67 36.85 12.14
N LEU B 157 -6.80 36.49 11.53
CA LEU B 157 -7.34 35.15 11.66
C LEU B 157 -6.55 34.19 10.78
N ILE B 158 -7.04 32.95 10.66
CA ILE B 158 -6.39 31.99 9.79
C ILE B 158 -6.79 32.20 8.33
N GLU B 159 -8.09 32.47 8.09
CA GLU B 159 -8.61 32.70 6.75
C GLU B 159 -8.25 31.55 5.81
N LYS B 160 -8.33 30.33 6.32
CA LYS B 160 -7.97 29.17 5.53
C LYS B 160 -8.68 27.95 6.09
N TRP B 161 -9.18 27.10 5.19
CA TRP B 161 -9.83 25.86 5.59
C TRP B 161 -9.91 24.90 4.40
#